data_3INR
#
_entry.id   3INR
#
_cell.length_a   93.799
_cell.length_b   93.799
_cell.length_c   128.584
_cell.angle_alpha   90.00
_cell.angle_beta   90.00
_cell.angle_gamma   90.00
#
_symmetry.space_group_name_H-M   'P 41'
#
loop_
_entity.id
_entity.type
_entity.pdbx_description
1 polymer 'UDP-galactopyranose mutase'
2 non-polymer 'FLAVIN-ADENINE DINUCLEOTIDE'
3 non-polymer "GALACTOSE-URIDINE-5'-DIPHOSPHATE"
4 water water
#
_entity_poly.entity_id   1
_entity_poly.type   'polypeptide(L)'
_entity_poly.pdbx_seq_one_letter_code
;MKSKKILIVGAGFSGAVIGRQLAEKGHQVHIIDQRDHIGGNSYDARDSETNVMVHVYGPHIFHTDNETVWNYINKHAEMM
PYVNRVKATVNGQVFSLPINLHTINQFFSKTCSPDEARALIAEKGDSTIADPQTFEEQALRFIGKELYEAFFKGYTIKQW
GMQPSELPASILKRLPVRFNYDDNYFNHKFQGMPKCGYTQMIKSILNHENIKVDLQREFIVDERTHYDHVFYSGPLDAFY
GYQYGRLGYRTLDFKKFIYQGDYQGCAVMNYCSVDVPYTRITEHKYFSPWEQHDGSVCYKEYSRACEENDIPYYPIRQMG
EMALLEKYLSLAENETNITFVGRLGTYRYLDMDVTIAEALKTAEVYLNSLTDNQPMPVFTVSVGHHHHHH
;
_entity_poly.pdbx_strand_id   A,B
#
loop_
_chem_comp.id
_chem_comp.type
_chem_comp.name
_chem_comp.formula
FAD non-polymer 'FLAVIN-ADENINE DINUCLEOTIDE' 'C27 H33 N9 O15 P2'
GDU non-polymer GALACTOSE-URIDINE-5'-DIPHOSPHATE 'C15 H24 N2 O17 P2'
#
# COMPACT_ATOMS: atom_id res chain seq x y z
N LYS A 2 39.91 -10.19 -23.78
CA LYS A 2 40.81 -10.38 -22.57
C LYS A 2 40.09 -10.12 -21.23
N SER A 3 40.38 -11.00 -20.26
CA SER A 3 39.91 -10.90 -18.89
C SER A 3 40.68 -9.80 -18.11
N LYS A 4 40.05 -8.62 -18.01
CA LYS A 4 40.70 -7.45 -17.40
C LYS A 4 40.72 -7.56 -15.87
N LYS A 5 41.72 -6.97 -15.23
CA LYS A 5 41.78 -6.96 -13.76
C LYS A 5 41.18 -5.66 -13.19
N ILE A 6 40.16 -5.78 -12.36
CA ILE A 6 39.34 -4.62 -11.93
C ILE A 6 39.39 -4.47 -10.41
N LEU A 7 39.81 -3.29 -9.96
CA LEU A 7 39.64 -2.92 -8.54
C LEU A 7 38.37 -2.05 -8.34
N ILE A 8 37.55 -2.42 -7.37
CA ILE A 8 36.36 -1.62 -7.06
C ILE A 8 36.44 -1.23 -5.61
N VAL A 9 36.46 0.06 -5.36
CA VAL A 9 36.53 0.55 -3.96
C VAL A 9 35.10 0.81 -3.39
N GLY A 10 34.60 -0.09 -2.54
CA GLY A 10 33.29 0.05 -1.87
C GLY A 10 32.34 -1.07 -2.25
N ALA A 11 31.70 -1.66 -1.25
CA ALA A 11 30.75 -2.75 -1.47
C ALA A 11 29.30 -2.29 -1.15
N GLY A 12 29.01 -1.02 -1.45
CA GLY A 12 27.62 -0.55 -1.43
C GLY A 12 27.04 -0.85 -2.81
N PHE A 13 25.87 -0.28 -3.11
CA PHE A 13 25.24 -0.55 -4.38
C PHE A 13 26.13 -0.26 -5.54
N SER A 14 26.85 0.86 -5.50
CA SER A 14 27.59 1.27 -6.67
C SER A 14 28.61 0.17 -7.06
N GLY A 15 29.39 -0.25 -6.07
CA GLY A 15 30.47 -1.23 -6.24
C GLY A 15 29.95 -2.58 -6.63
N ALA A 16 28.93 -3.05 -5.87
CA ALA A 16 28.33 -4.36 -6.01
C ALA A 16 27.73 -4.50 -7.39
N VAL A 17 26.95 -3.52 -7.84
CA VAL A 17 26.35 -3.56 -9.16
C VAL A 17 27.41 -3.48 -10.31
N ILE A 18 28.33 -2.53 -10.26
CA ILE A 18 29.33 -2.48 -11.31
C ILE A 18 30.12 -3.82 -11.34
N GLY A 19 30.59 -4.26 -10.19
CA GLY A 19 31.33 -5.50 -10.09
C GLY A 19 30.53 -6.71 -10.61
N ARG A 20 29.21 -6.75 -10.37
CA ARG A 20 28.40 -7.82 -10.91
C ARG A 20 28.26 -7.81 -12.43
N GLN A 21 28.13 -6.66 -13.04
CA GLN A 21 28.07 -6.61 -14.49
C GLN A 21 29.38 -7.11 -15.16
N LEU A 22 30.51 -6.75 -14.59
CA LEU A 22 31.78 -7.11 -15.19
C LEU A 22 32.20 -8.58 -14.92
N ALA A 23 31.88 -9.09 -13.74
CA ALA A 23 32.10 -10.49 -13.44
C ALA A 23 31.45 -11.35 -14.53
N GLU A 24 30.22 -10.99 -14.90
CA GLU A 24 29.44 -11.76 -15.85
C GLU A 24 30.05 -11.77 -17.26
N LYS A 25 30.99 -10.85 -17.51
CA LYS A 25 31.64 -10.77 -18.81
C LYS A 25 33.04 -11.31 -18.71
N GLY A 26 33.33 -12.03 -17.65
CA GLY A 26 34.59 -12.73 -17.55
C GLY A 26 35.75 -11.94 -16.95
N HIS A 27 35.50 -10.72 -16.49
CA HIS A 27 36.58 -9.99 -15.80
C HIS A 27 36.78 -10.37 -14.33
N GLN A 28 38.03 -10.27 -13.84
CA GLN A 28 38.38 -10.59 -12.46
C GLN A 28 38.21 -9.32 -11.63
N VAL A 29 37.18 -9.33 -10.79
CA VAL A 29 36.80 -8.12 -10.03
C VAL A 29 37.24 -8.27 -8.62
N HIS A 30 38.06 -7.31 -8.17
CA HIS A 30 38.42 -7.25 -6.79
C HIS A 30 37.70 -6.05 -6.12
N ILE A 31 36.87 -6.35 -5.10
CA ILE A 31 36.01 -5.36 -4.43
C ILE A 31 36.48 -5.25 -3.01
N ILE A 32 36.93 -4.06 -2.62
CA ILE A 32 37.37 -3.89 -1.25
C ILE A 32 36.43 -2.92 -0.47
N ASP A 33 36.37 -3.08 0.85
CA ASP A 33 35.61 -2.12 1.66
C ASP A 33 36.32 -1.92 2.98
N GLN A 34 36.45 -0.67 3.40
CA GLN A 34 37.10 -0.39 4.70
C GLN A 34 36.25 -0.75 5.88
N ARG A 35 34.96 -1.03 5.67
CA ARG A 35 34.13 -1.52 6.76
C ARG A 35 34.26 -3.04 6.87
N ASP A 36 33.87 -3.58 8.01
CA ASP A 36 33.82 -5.03 8.26
C ASP A 36 32.50 -5.73 7.75
N HIS A 37 31.69 -5.00 6.97
CA HIS A 37 30.55 -5.60 6.33
C HIS A 37 30.30 -4.94 4.99
N ILE A 38 29.63 -5.68 4.10
CA ILE A 38 29.22 -5.14 2.82
C ILE A 38 27.99 -4.22 2.99
N GLY A 39 27.50 -3.67 1.88
CA GLY A 39 26.20 -2.98 1.93
C GLY A 39 26.30 -1.46 1.87
N GLY A 40 27.44 -0.90 2.28
CA GLY A 40 27.57 0.56 2.30
C GLY A 40 26.50 1.16 3.20
N ASN A 41 25.96 2.31 2.79
CA ASN A 41 24.95 3.02 3.58
C ASN A 41 23.61 2.34 3.58
N SER A 42 23.45 1.29 2.76
CA SER A 42 22.21 0.49 2.71
C SER A 42 22.16 -0.69 3.70
N TYR A 43 23.24 -0.89 4.45
CA TYR A 43 23.36 -2.02 5.35
C TYR A 43 22.28 -2.04 6.42
N ASP A 44 21.70 -3.22 6.60
CA ASP A 44 20.76 -3.44 7.66
C ASP A 44 21.20 -4.68 8.42
N ALA A 45 20.82 -4.79 9.69
CA ALA A 45 21.23 -5.98 10.44
C ALA A 45 20.31 -6.09 11.60
N ARG A 46 20.21 -7.29 12.16
CA ARG A 46 19.27 -7.50 13.22
C ARG A 46 19.84 -7.16 14.54
N ASP A 47 19.01 -6.59 15.38
CA ASP A 47 19.29 -6.36 16.78
C ASP A 47 19.13 -7.70 17.56
N SER A 48 20.10 -7.98 18.44
CA SER A 48 20.18 -9.22 19.26
C SER A 48 18.92 -9.46 20.02
N GLU A 49 18.60 -8.52 20.91
CA GLU A 49 17.49 -8.63 21.86
C GLU A 49 16.12 -8.78 21.21
N THR A 50 15.82 -7.87 20.26
CA THR A 50 14.48 -7.78 19.76
C THR A 50 14.33 -8.56 18.47
N ASN A 51 15.44 -8.92 17.79
CA ASN A 51 15.36 -9.50 16.43
C ASN A 51 14.77 -8.55 15.36
N VAL A 52 14.63 -7.27 15.72
CA VAL A 52 14.21 -6.28 14.70
C VAL A 52 15.31 -6.00 13.69
N MET A 53 14.97 -6.04 12.39
CA MET A 53 15.89 -5.62 11.32
C MET A 53 16.03 -4.08 11.33
N VAL A 54 17.25 -3.60 11.58
CA VAL A 54 17.53 -2.18 11.72
C VAL A 54 18.20 -1.71 10.48
N HIS A 55 17.66 -0.62 9.92
CA HIS A 55 18.26 0.13 8.79
C HIS A 55 19.21 1.12 9.44
N VAL A 56 20.48 0.70 9.45
CA VAL A 56 21.49 1.23 10.34
C VAL A 56 21.84 2.70 9.98
N TYR A 57 21.84 3.03 8.68
CA TYR A 57 22.23 4.40 8.22
C TYR A 57 21.04 5.19 7.73
N GLY A 58 19.85 4.77 8.18
CA GLY A 58 18.64 5.49 7.89
C GLY A 58 17.67 4.57 7.18
N PRO A 59 16.36 4.78 7.45
CA PRO A 59 15.23 4.17 6.75
C PRO A 59 15.64 4.11 5.34
N HIS A 60 15.51 2.97 4.66
CA HIS A 60 15.92 2.92 3.21
C HIS A 60 14.73 2.31 2.47
N ILE A 61 13.89 3.20 1.90
CA ILE A 61 12.66 2.79 1.27
C ILE A 61 12.95 2.70 -0.20
N PHE A 62 12.80 1.51 -0.78
CA PHE A 62 12.99 1.39 -2.24
C PHE A 62 11.86 1.98 -3.07
N HIS A 63 12.15 2.85 -4.03
CA HIS A 63 11.07 3.45 -4.85
C HIS A 63 11.66 3.85 -6.21
N THR A 64 10.98 3.43 -7.27
CA THR A 64 11.42 3.69 -8.61
C THR A 64 10.29 3.71 -9.66
N ASP A 65 10.53 4.47 -10.74
CA ASP A 65 9.72 4.38 -11.97
C ASP A 65 10.42 3.56 -13.08
N ASN A 66 11.61 3.07 -12.76
CA ASN A 66 12.53 2.40 -13.70
C ASN A 66 12.34 0.89 -13.61
N GLU A 67 11.59 0.35 -14.56
CA GLU A 67 11.22 -1.04 -14.48
C GLU A 67 12.42 -1.96 -14.64
N THR A 68 13.37 -1.53 -15.45
CA THR A 68 14.62 -2.29 -15.57
C THR A 68 15.28 -2.48 -14.18
N VAL A 69 15.43 -1.38 -13.45
CA VAL A 69 16.06 -1.43 -12.13
C VAL A 69 15.20 -2.26 -11.20
N TRP A 70 13.89 -2.05 -11.28
CA TRP A 70 12.98 -2.84 -10.46
C TRP A 70 13.10 -4.35 -10.72
N ASN A 71 13.18 -4.76 -11.98
CA ASN A 71 13.37 -6.20 -12.32
C ASN A 71 14.71 -6.71 -11.83
N TYR A 72 15.75 -5.89 -11.98
CA TYR A 72 17.09 -6.26 -11.47
C TYR A 72 17.07 -6.63 -10.00
N ILE A 73 16.46 -5.79 -9.17
CA ILE A 73 16.60 -6.07 -7.74
C ILE A 73 15.68 -7.26 -7.42
N ASN A 74 14.68 -7.53 -8.25
CA ASN A 74 13.79 -8.68 -8.00
C ASN A 74 14.47 -10.03 -8.29
N LYS A 75 15.61 -10.01 -9.00
CA LYS A 75 16.41 -11.19 -9.17
C LYS A 75 17.24 -11.46 -7.95
N HIS A 76 17.33 -10.52 -7.01
CA HIS A 76 18.23 -10.62 -5.86
C HIS A 76 17.57 -10.47 -4.51
N ALA A 77 16.26 -10.40 -4.52
CA ALA A 77 15.51 -10.33 -3.29
C ALA A 77 14.02 -10.56 -3.57
N GLU A 78 13.28 -10.84 -2.51
CA GLU A 78 11.86 -10.83 -2.59
C GLU A 78 11.35 -9.45 -2.14
N MET A 79 10.94 -8.62 -3.09
CA MET A 79 10.44 -7.28 -2.76
C MET A 79 9.02 -7.31 -2.20
N MET A 80 8.86 -6.89 -0.94
CA MET A 80 7.56 -6.88 -0.28
C MET A 80 6.89 -5.56 -0.45
N PRO A 81 5.56 -5.57 -0.55
CA PRO A 81 4.88 -4.30 -0.70
C PRO A 81 5.11 -3.54 0.58
N TYR A 82 5.27 -2.24 0.44
CA TYR A 82 5.48 -1.39 1.59
C TYR A 82 5.16 0.00 1.08
N VAL A 83 4.30 0.73 1.77
CA VAL A 83 3.95 2.09 1.34
C VAL A 83 4.29 3.03 2.47
N ASN A 84 5.20 3.96 2.22
CA ASN A 84 5.67 4.88 3.24
C ASN A 84 4.61 5.91 3.53
N ARG A 85 4.16 5.97 4.78
CA ARG A 85 3.10 6.89 5.21
C ARG A 85 3.57 7.62 6.46
N VAL A 86 4.12 8.81 6.27
CA VAL A 86 4.80 9.50 7.33
C VAL A 86 3.73 10.28 8.15
N LYS A 87 3.91 10.30 9.48
CA LYS A 87 3.14 11.19 10.35
C LYS A 87 4.01 12.30 10.87
N ALA A 88 3.36 13.35 11.37
CA ALA A 88 4.08 14.48 11.93
C ALA A 88 3.40 14.98 13.19
N THR A 89 4.21 15.21 14.22
CA THR A 89 3.73 15.80 15.44
C THR A 89 4.12 17.27 15.49
N VAL A 90 3.10 18.12 15.66
CA VAL A 90 3.37 19.57 15.86
C VAL A 90 2.16 20.25 16.45
N ASN A 91 2.37 21.31 17.26
CA ASN A 91 1.24 22.07 17.84
C ASN A 91 0.26 21.18 18.62
N GLY A 92 0.78 20.16 19.32
CA GLY A 92 -0.08 19.33 20.20
C GLY A 92 -1.03 18.46 19.38
N GLN A 93 -0.68 18.21 18.13
CA GLN A 93 -1.54 17.40 17.26
C GLN A 93 -0.69 16.47 16.37
N VAL A 94 -1.34 15.46 15.82
CA VAL A 94 -0.64 14.53 14.93
C VAL A 94 -1.25 14.58 13.55
N PHE A 95 -0.39 14.77 12.56
CA PHE A 95 -0.85 14.97 11.21
C PHE A 95 -0.29 13.96 10.24
N SER A 96 -1.02 13.87 9.15
CA SER A 96 -0.66 13.13 7.99
C SER A 96 0.26 13.93 7.08
N LEU A 97 1.39 13.36 6.66
CA LEU A 97 2.24 13.99 5.60
C LEU A 97 2.26 13.03 4.44
N PRO A 98 2.67 13.50 3.23
CA PRO A 98 2.91 14.89 2.87
C PRO A 98 1.57 15.68 2.89
N ILE A 99 1.67 16.99 2.83
CA ILE A 99 0.47 17.78 2.89
C ILE A 99 -0.67 17.30 1.97
N ASN A 100 -1.75 16.80 2.55
CA ASN A 100 -2.82 16.41 1.68
C ASN A 100 -4.16 16.95 2.20
N LEU A 101 -5.25 16.58 1.53
CA LEU A 101 -6.59 16.96 1.92
C LEU A 101 -6.92 16.67 3.36
N HIS A 102 -6.40 15.55 3.94
CA HIS A 102 -6.62 15.32 5.36
C HIS A 102 -5.86 16.29 6.24
N THR A 103 -4.62 16.55 5.86
CA THR A 103 -3.82 17.54 6.61
C THR A 103 -4.46 18.94 6.62
N ILE A 104 -4.95 19.35 5.45
CA ILE A 104 -5.52 20.67 5.32
C ILE A 104 -6.80 20.74 6.13
N ASN A 105 -7.62 19.69 6.04
CA ASN A 105 -8.91 19.71 6.80
C ASN A 105 -8.68 19.62 8.28
N GLN A 106 -7.66 18.88 8.69
CA GLN A 106 -7.34 18.88 10.11
C GLN A 106 -6.75 20.18 10.64
N PHE A 107 -5.80 20.74 9.89
CA PHE A 107 -5.05 21.89 10.38
C PHE A 107 -6.00 23.11 10.51
N PHE A 108 -6.81 23.37 9.49
CA PHE A 108 -7.72 24.53 9.45
C PHE A 108 -9.14 24.25 9.93
N SER A 109 -9.39 23.06 10.52
CA SER A 109 -10.68 22.61 10.99
C SER A 109 -11.79 22.80 9.98
N LYS A 110 -11.67 22.18 8.83
CA LYS A 110 -12.65 22.31 7.78
C LYS A 110 -13.09 20.95 7.29
N THR A 111 -14.12 20.93 6.44
CA THR A 111 -14.51 19.73 5.69
C THR A 111 -14.55 20.01 4.17
N CYS A 112 -13.49 20.69 3.69
CA CYS A 112 -13.32 20.98 2.28
C CYS A 112 -13.25 19.74 1.39
N SER A 113 -13.86 19.91 0.23
CA SER A 113 -13.69 18.99 -0.89
C SER A 113 -12.33 19.38 -1.59
N PRO A 114 -11.81 18.55 -2.53
CA PRO A 114 -10.58 18.91 -3.22
C PRO A 114 -10.61 20.34 -3.79
N ASP A 115 -11.72 20.73 -4.44
CA ASP A 115 -11.79 22.00 -5.17
C ASP A 115 -11.94 23.09 -4.14
N GLU A 116 -12.63 22.83 -3.04
CA GLU A 116 -12.68 23.86 -2.00
C GLU A 116 -11.34 24.09 -1.30
N ALA A 117 -10.53 23.03 -1.21
CA ALA A 117 -9.24 23.15 -0.55
C ALA A 117 -8.28 23.94 -1.45
N ARG A 118 -8.30 23.67 -2.76
CA ARG A 118 -7.54 24.47 -3.73
C ARG A 118 -7.78 25.94 -3.51
N ALA A 119 -9.05 26.35 -3.43
CA ALA A 119 -9.43 27.77 -3.28
C ALA A 119 -8.97 28.26 -1.95
N LEU A 120 -9.07 27.43 -0.90
CA LEU A 120 -8.61 27.87 0.38
C LEU A 120 -7.08 28.12 0.44
N ILE A 121 -6.30 27.20 -0.07
CA ILE A 121 -4.84 27.37 -0.11
C ILE A 121 -4.42 28.54 -1.05
N ALA A 122 -5.00 28.63 -2.24
CA ALA A 122 -4.80 29.79 -3.17
C ALA A 122 -5.01 31.14 -2.44
N GLU A 123 -6.05 31.24 -1.65
CA GLU A 123 -6.25 32.45 -0.89
C GLU A 123 -5.09 32.65 0.10
N LYS A 124 -4.58 31.58 0.71
CA LYS A 124 -3.53 31.77 1.73
C LYS A 124 -2.15 32.03 1.12
N GLY A 125 -2.02 31.58 -0.12
CA GLY A 125 -0.79 31.72 -0.88
C GLY A 125 -0.61 33.16 -1.41
N ASP A 126 0.60 33.45 -1.84
CA ASP A 126 0.87 34.78 -2.33
C ASP A 126 1.29 34.64 -3.79
N SER A 127 0.33 34.82 -4.68
CA SER A 127 0.59 34.70 -6.11
C SER A 127 1.27 35.93 -6.74
N THR A 128 1.65 36.88 -5.92
CA THR A 128 2.39 38.07 -6.35
C THR A 128 3.93 37.80 -6.44
N ILE A 129 4.35 36.63 -5.98
CA ILE A 129 5.75 36.19 -6.10
C ILE A 129 5.92 35.49 -7.45
N ALA A 130 6.65 36.12 -8.36
CA ALA A 130 6.71 35.61 -9.72
C ALA A 130 7.50 34.27 -9.83
N ASP A 131 8.68 34.20 -9.21
CA ASP A 131 9.45 32.97 -9.33
C ASP A 131 10.25 32.83 -8.08
N PRO A 132 9.71 32.06 -7.13
CA PRO A 132 10.30 31.80 -5.83
C PRO A 132 11.73 31.29 -6.05
N GLN A 133 12.70 31.98 -5.43
CA GLN A 133 14.11 31.60 -5.43
C GLN A 133 14.43 30.84 -4.13
N THR A 134 13.80 31.20 -3.02
CA THR A 134 14.12 30.59 -1.77
C THR A 134 13.07 29.61 -1.31
N PHE A 135 13.50 28.77 -0.37
CA PHE A 135 12.63 27.78 0.25
C PHE A 135 11.46 28.56 0.88
N GLU A 136 11.79 29.67 1.52
CA GLU A 136 10.72 30.48 2.18
C GLU A 136 9.71 31.00 1.16
N GLU A 137 10.20 31.61 0.10
CA GLU A 137 9.32 32.11 -0.98
C GLU A 137 8.46 31.05 -1.61
N GLN A 138 9.01 29.86 -1.85
CA GLN A 138 8.24 28.78 -2.43
C GLN A 138 7.12 28.42 -1.45
N ALA A 139 7.42 28.37 -0.16
CA ALA A 139 6.37 28.05 0.79
C ALA A 139 5.30 29.16 0.85
N LEU A 140 5.73 30.41 0.96
CA LEU A 140 4.79 31.50 1.00
C LEU A 140 3.96 31.60 -0.27
N ARG A 141 4.51 31.17 -1.40
CA ARG A 141 3.79 31.28 -2.65
C ARG A 141 2.76 30.19 -2.75
N PHE A 142 3.08 28.98 -2.27
CA PHE A 142 2.20 27.89 -2.55
C PHE A 142 1.39 27.34 -1.38
N ILE A 143 1.88 27.43 -0.16
CA ILE A 143 1.15 26.77 0.93
C ILE A 143 0.72 27.76 1.94
N GLY A 144 1.34 28.95 1.94
CA GLY A 144 0.91 30.02 2.87
C GLY A 144 1.66 29.97 4.20
N LYS A 145 1.59 31.06 4.96
CA LYS A 145 2.37 31.25 6.16
C LYS A 145 2.11 30.21 7.23
N GLU A 146 0.86 29.81 7.43
CA GLU A 146 0.50 28.98 8.61
C GLU A 146 1.07 27.57 8.46
N LEU A 147 0.88 27.00 7.28
CA LEU A 147 1.38 25.67 6.97
C LEU A 147 2.89 25.72 6.93
N TYR A 148 3.43 26.77 6.32
CA TYR A 148 4.87 26.92 6.26
C TYR A 148 5.50 26.83 7.66
N GLU A 149 5.01 27.64 8.59
CA GLU A 149 5.60 27.75 9.94
C GLU A 149 5.30 26.57 10.80
N ALA A 150 4.17 25.91 10.58
CA ALA A 150 3.91 24.66 11.33
C ALA A 150 4.79 23.48 10.88
N PHE A 151 4.80 23.13 9.60
CA PHE A 151 5.34 21.86 9.13
C PHE A 151 6.74 21.96 8.55
N PHE A 152 7.13 23.15 8.06
CA PHE A 152 8.34 23.29 7.27
C PHE A 152 9.45 24.10 7.85
N LYS A 153 9.15 25.27 8.43
CA LYS A 153 10.20 26.19 8.87
C LYS A 153 11.16 25.59 9.91
N GLY A 154 10.60 25.07 11.00
CA GLY A 154 11.40 24.53 12.12
C GLY A 154 12.11 23.23 11.70
N TYR A 155 11.41 22.39 11.00
CA TYR A 155 12.01 21.13 10.53
C TYR A 155 13.17 21.41 9.60
N THR A 156 12.99 22.36 8.67
CA THR A 156 14.00 22.72 7.73
C THR A 156 15.20 23.41 8.37
N ILE A 157 14.94 24.27 9.33
CA ILE A 157 16.10 24.85 10.07
C ILE A 157 16.91 23.75 10.76
N LYS A 158 16.22 22.80 11.35
CA LYS A 158 16.90 21.70 12.09
C LYS A 158 17.74 20.82 11.14
N GLN A 159 17.08 20.34 10.07
CA GLN A 159 17.69 19.51 9.09
C GLN A 159 18.91 20.18 8.42
N TRP A 160 18.81 21.49 8.13
CA TRP A 160 19.83 22.19 7.30
C TRP A 160 20.74 23.11 8.03
N GLY A 161 20.42 23.48 9.27
CA GLY A 161 21.30 24.43 9.97
C GLY A 161 21.28 25.80 9.29
N MET A 162 20.20 26.18 8.62
CA MET A 162 20.15 27.53 8.00
C MET A 162 18.68 27.98 7.93
N GLN A 163 18.45 29.30 7.86
CA GLN A 163 17.09 29.81 7.72
C GLN A 163 16.59 29.42 6.33
N PRO A 164 15.30 29.10 6.23
CA PRO A 164 14.81 28.80 4.87
C PRO A 164 14.92 29.96 3.86
N SER A 165 15.05 31.20 4.32
CA SER A 165 15.27 32.27 3.38
C SER A 165 16.63 32.18 2.72
N GLU A 166 17.52 31.34 3.25
CA GLU A 166 18.86 31.16 2.70
C GLU A 166 19.02 29.82 1.97
N LEU A 167 17.92 29.08 1.78
CA LEU A 167 17.96 27.76 1.10
C LEU A 167 17.23 27.83 -0.22
N PRO A 168 17.61 27.02 -1.18
CA PRO A 168 16.98 27.04 -2.50
C PRO A 168 15.51 26.57 -2.52
N ALA A 169 14.72 27.13 -3.46
CA ALA A 169 13.33 26.74 -3.62
C ALA A 169 13.20 25.29 -4.02
N SER A 170 14.21 24.79 -4.77
CA SER A 170 14.21 23.41 -5.31
C SER A 170 13.91 22.34 -4.26
N ILE A 171 14.38 22.55 -3.05
CA ILE A 171 14.17 21.60 -1.97
C ILE A 171 12.68 21.35 -1.75
N LEU A 172 11.87 22.41 -1.80
CA LEU A 172 10.44 22.27 -1.55
C LEU A 172 9.59 21.99 -2.82
N LYS A 173 10.14 22.38 -3.96
CA LYS A 173 9.59 22.13 -5.30
C LYS A 173 9.28 20.65 -5.44
N ARG A 174 10.05 19.86 -4.71
CA ARG A 174 9.97 18.41 -4.86
C ARG A 174 8.71 17.84 -4.20
N LEU A 175 8.22 18.53 -3.16
CA LEU A 175 7.22 17.94 -2.26
C LEU A 175 5.74 18.15 -2.69
N PRO A 176 4.96 17.01 -2.68
CA PRO A 176 3.56 17.01 -3.13
C PRO A 176 2.65 17.79 -2.17
N VAL A 177 2.08 18.85 -2.73
CA VAL A 177 0.87 19.49 -2.10
C VAL A 177 -0.34 18.82 -2.74
N ARG A 178 -0.97 17.90 -2.02
CA ARG A 178 -2.00 17.07 -2.65
C ARG A 178 -3.36 17.53 -2.24
N PHE A 179 -4.22 17.72 -3.21
CA PHE A 179 -5.60 18.07 -2.90
C PHE A 179 -6.52 16.86 -2.94
N ASN A 180 -6.04 15.69 -2.56
CA ASN A 180 -6.91 14.50 -2.36
C ASN A 180 -6.42 13.81 -1.05
N TYR A 181 -6.95 12.64 -0.74
CA TYR A 181 -6.61 11.98 0.52
C TYR A 181 -5.52 10.94 0.37
N ASP A 182 -4.77 11.00 -0.72
CA ASP A 182 -3.62 10.08 -0.91
C ASP A 182 -2.46 10.54 0.00
N ASP A 183 -2.00 9.72 0.91
CA ASP A 183 -0.87 10.08 1.76
C ASP A 183 0.35 9.14 1.59
N ASN A 184 0.41 8.44 0.46
CA ASN A 184 1.67 7.75 0.08
C ASN A 184 2.77 8.83 -0.01
N TYR A 185 3.86 8.72 0.74
CA TYR A 185 4.91 9.74 0.65
C TYR A 185 5.55 9.87 -0.74
N PHE A 186 5.66 8.74 -1.44
CA PHE A 186 6.24 8.65 -2.78
C PHE A 186 5.24 8.44 -3.94
N ASN A 187 5.46 9.16 -5.03
CA ASN A 187 4.68 9.03 -6.30
C ASN A 187 5.06 7.87 -7.25
N HIS A 188 6.22 7.25 -7.00
CA HIS A 188 6.80 6.28 -7.92
C HIS A 188 5.90 5.06 -8.10
N LYS A 189 5.92 4.49 -9.30
CA LYS A 189 5.15 3.32 -9.59
C LYS A 189 5.60 2.08 -8.81
N PHE A 190 6.89 1.91 -8.59
CA PHE A 190 7.28 0.72 -7.86
C PHE A 190 7.84 1.06 -6.50
N GLN A 191 7.38 0.35 -5.48
CA GLN A 191 7.75 0.72 -4.15
C GLN A 191 7.78 -0.45 -3.21
N GLY A 192 8.82 -0.64 -2.42
CA GLY A 192 8.77 -1.70 -1.44
C GLY A 192 10.05 -1.85 -0.63
N MET A 193 10.13 -2.98 0.09
CA MET A 193 11.27 -3.36 0.93
C MET A 193 11.58 -4.81 0.68
N PRO A 194 12.88 -5.15 0.67
CA PRO A 194 13.30 -6.54 0.43
C PRO A 194 13.06 -7.32 1.68
N LYS A 195 12.42 -8.47 1.51
CA LYS A 195 12.08 -9.35 2.65
C LYS A 195 13.26 -9.71 3.58
N CYS A 196 14.41 -10.00 3.03
CA CYS A 196 15.52 -10.37 3.93
C CYS A 196 16.53 -9.19 4.09
N GLY A 197 16.17 -8.00 3.62
CA GLY A 197 17.00 -6.81 3.87
C GLY A 197 17.97 -6.51 2.76
N TYR A 198 18.51 -5.29 2.77
CA TYR A 198 19.43 -4.93 1.72
C TYR A 198 20.80 -5.60 1.82
N THR A 199 21.26 -5.92 3.01
CA THR A 199 22.54 -6.64 3.10
C THR A 199 22.48 -7.92 2.25
N GLN A 200 21.49 -8.78 2.53
CA GLN A 200 21.25 -10.02 1.77
C GLN A 200 21.08 -9.78 0.30
N MET A 201 20.36 -8.71 -0.08
CA MET A 201 20.21 -8.38 -1.49
C MET A 201 21.56 -8.09 -2.14
N ILE A 202 22.43 -7.37 -1.44
CA ILE A 202 23.69 -6.93 -2.03
C ILE A 202 24.64 -8.16 -2.02
N LYS A 203 24.50 -8.99 -1.00
CA LYS A 203 25.22 -10.27 -0.91
C LYS A 203 24.87 -11.11 -2.14
N SER A 204 23.61 -11.15 -2.50
CA SER A 204 23.24 -11.87 -3.71
C SER A 204 23.89 -11.23 -4.91
N ILE A 205 23.89 -9.89 -5.00
CA ILE A 205 24.54 -9.22 -6.14
C ILE A 205 26.04 -9.51 -6.18
N LEU A 206 26.64 -9.63 -5.02
CA LEU A 206 28.05 -9.95 -4.91
C LEU A 206 28.42 -11.47 -5.15
N ASN A 207 27.41 -12.34 -5.21
CA ASN A 207 27.60 -13.81 -5.28
C ASN A 207 27.91 -14.29 -6.70
N HIS A 208 29.17 -14.19 -7.08
CA HIS A 208 29.56 -14.64 -8.41
C HIS A 208 30.98 -15.14 -8.35
N GLU A 209 31.30 -16.01 -9.31
CA GLU A 209 32.57 -16.76 -9.32
C GLU A 209 33.78 -15.80 -9.46
N ASN A 210 33.59 -14.78 -10.32
CA ASN A 210 34.59 -13.76 -10.66
C ASN A 210 34.69 -12.57 -9.69
N ILE A 211 34.17 -12.72 -8.48
CA ILE A 211 34.22 -11.62 -7.54
C ILE A 211 34.85 -12.04 -6.28
N LYS A 212 35.92 -11.33 -5.90
CA LYS A 212 36.45 -11.49 -4.57
C LYS A 212 36.25 -10.19 -3.79
N VAL A 213 35.82 -10.33 -2.55
CA VAL A 213 35.46 -9.23 -1.67
C VAL A 213 36.35 -9.33 -0.45
N ASP A 214 37.18 -8.34 -0.22
CA ASP A 214 37.96 -8.24 1.01
C ASP A 214 37.44 -7.08 1.84
N LEU A 215 37.10 -7.37 3.09
CA LEU A 215 36.57 -6.37 4.04
C LEU A 215 37.67 -5.84 4.97
N GLN A 216 37.36 -4.83 5.79
CA GLN A 216 38.33 -4.22 6.71
C GLN A 216 39.63 -3.77 6.05
N ARG A 217 39.49 -3.27 4.82
CA ARG A 217 40.60 -2.99 3.94
C ARG A 217 40.45 -1.65 3.21
N GLU A 218 41.29 -0.72 3.62
CA GLU A 218 41.28 0.59 3.06
C GLU A 218 41.91 0.54 1.70
N PHE A 219 41.42 1.35 0.76
CA PHE A 219 42.15 1.60 -0.47
C PHE A 219 43.54 2.21 -0.21
N ILE A 220 44.54 1.72 -0.92
CA ILE A 220 45.91 2.30 -0.85
C ILE A 220 46.35 2.71 -2.27
N VAL A 221 46.74 3.97 -2.42
CA VAL A 221 46.95 4.54 -3.75
C VAL A 221 47.99 3.75 -4.59
N ASP A 222 48.90 3.05 -3.92
CA ASP A 222 49.89 2.16 -4.55
C ASP A 222 49.32 0.97 -5.33
N GLU A 223 48.10 0.57 -4.96
CA GLU A 223 47.44 -0.59 -5.55
C GLU A 223 47.11 -0.38 -7.01
N ARG A 224 46.84 0.83 -7.46
CA ARG A 224 46.19 0.99 -8.76
C ARG A 224 46.90 0.30 -9.94
N THR A 225 48.21 0.11 -9.79
CA THR A 225 49.08 -0.33 -10.88
C THR A 225 48.91 -1.84 -11.13
N HIS A 226 48.38 -2.55 -10.14
CA HIS A 226 48.07 -3.97 -10.34
C HIS A 226 46.77 -4.19 -11.12
N TYR A 227 46.08 -3.13 -11.51
CA TYR A 227 44.75 -3.32 -12.09
C TYR A 227 44.73 -2.55 -13.34
N ASP A 228 43.84 -2.97 -14.24
CA ASP A 228 43.65 -2.35 -15.54
C ASP A 228 42.76 -1.15 -15.39
N HIS A 229 41.79 -1.24 -14.48
CA HIS A 229 40.85 -0.11 -14.14
C HIS A 229 40.29 -0.10 -12.68
N VAL A 230 40.17 1.09 -12.09
CA VAL A 230 39.65 1.25 -10.74
C VAL A 230 38.31 1.99 -10.75
N PHE A 231 37.32 1.43 -10.04
CA PHE A 231 36.05 2.11 -9.88
C PHE A 231 36.03 2.49 -8.43
N TYR A 232 35.89 3.80 -8.16
CA TYR A 232 36.05 4.35 -6.80
C TYR A 232 34.74 5.01 -6.31
N SER A 233 34.13 4.45 -5.28
CA SER A 233 32.86 4.99 -4.76
C SER A 233 33.05 5.57 -3.35
N GLY A 234 34.30 5.79 -2.97
CA GLY A 234 34.63 6.46 -1.69
C GLY A 234 34.62 7.96 -1.97
N PRO A 235 34.82 8.77 -0.94
CA PRO A 235 34.67 10.23 -1.13
C PRO A 235 35.73 10.82 -2.06
N LEU A 236 35.32 11.70 -2.98
CA LEU A 236 36.24 12.31 -3.93
C LEU A 236 37.36 13.09 -3.23
N ASP A 237 36.97 13.88 -2.22
CA ASP A 237 37.92 14.71 -1.50
C ASP A 237 38.89 13.85 -0.69
N ALA A 238 38.37 12.77 -0.09
CA ALA A 238 39.23 11.84 0.62
C ALA A 238 40.28 11.19 -0.30
N PHE A 239 39.91 10.88 -1.54
CA PHE A 239 40.86 10.28 -2.47
C PHE A 239 42.10 11.16 -2.63
N TYR A 240 41.91 12.48 -2.61
CA TYR A 240 43.00 13.44 -2.74
C TYR A 240 43.40 13.99 -1.41
N GLY A 241 43.31 13.20 -0.35
CA GLY A 241 43.87 13.57 0.97
C GLY A 241 43.24 14.82 1.60
N TYR A 242 42.09 15.22 1.07
CA TYR A 242 41.36 16.38 1.60
C TYR A 242 42.21 17.66 1.42
N GLN A 243 43.09 17.70 0.41
CA GLN A 243 44.12 18.74 0.32
C GLN A 243 43.59 20.15 0.15
N TYR A 244 42.39 20.28 -0.41
CA TYR A 244 41.81 21.61 -0.54
C TYR A 244 40.75 21.92 0.53
N GLY A 245 40.59 21.01 1.49
CA GLY A 245 39.46 21.05 2.46
C GLY A 245 38.38 19.98 2.23
N ARG A 246 37.42 19.89 3.16
CA ARG A 246 36.40 18.87 3.13
C ARG A 246 35.11 19.35 2.54
N LEU A 247 34.63 18.60 1.56
CA LEU A 247 33.29 18.81 1.05
C LEU A 247 32.27 18.84 2.22
N GLY A 248 31.46 19.88 2.28
CA GLY A 248 30.46 20.02 3.36
C GLY A 248 29.25 19.08 3.24
N TYR A 249 28.92 18.47 4.38
CA TYR A 249 27.79 17.56 4.48
C TYR A 249 27.09 17.89 5.76
N ARG A 250 25.81 17.49 5.86
CA ARG A 250 25.18 17.34 7.15
C ARG A 250 25.36 15.88 7.56
N THR A 251 25.41 15.63 8.86
CA THR A 251 25.42 14.28 9.36
C THR A 251 24.24 14.07 10.30
N LEU A 252 24.04 12.83 10.74
CA LEU A 252 22.95 12.54 11.67
C LEU A 252 23.52 11.75 12.82
N ASP A 253 23.03 11.99 14.04
CA ASP A 253 23.26 11.06 15.17
C ASP A 253 21.99 10.29 15.32
N PHE A 254 22.14 8.98 15.44
CA PHE A 254 21.02 8.09 15.70
C PHE A 254 21.11 7.66 17.14
N LYS A 255 20.15 8.09 17.94
CA LYS A 255 20.15 7.73 19.34
C LYS A 255 19.20 6.55 19.56
N LYS A 256 19.78 5.39 19.78
CA LYS A 256 19.06 4.13 19.88
C LYS A 256 18.37 3.96 21.22
N PHE A 257 17.14 3.46 21.21
CA PHE A 257 16.48 3.02 22.45
C PHE A 257 15.54 1.85 22.16
N ILE A 258 15.15 1.13 23.23
CA ILE A 258 14.33 -0.05 23.09
C ILE A 258 13.03 0.11 23.87
N TYR A 259 11.93 -0.34 23.29
CA TYR A 259 10.67 -0.30 23.99
C TYR A 259 10.00 -1.64 23.85
N GLN A 260 9.34 -2.08 24.92
CA GLN A 260 8.65 -3.34 24.96
C GLN A 260 7.23 -3.07 24.55
N GLY A 261 7.01 -3.18 23.23
CA GLY A 261 5.76 -2.85 22.60
C GLY A 261 5.87 -1.96 21.37
N ASP A 262 4.81 -1.19 21.14
CA ASP A 262 4.73 -0.31 20.00
C ASP A 262 4.99 1.08 20.56
N TYR A 263 6.20 1.59 20.33
CA TYR A 263 6.55 2.91 20.86
C TYR A 263 5.77 4.08 20.21
N GLN A 264 5.59 4.04 18.89
CA GLN A 264 4.87 5.13 18.24
C GLN A 264 3.80 4.65 17.30
N GLY A 265 3.86 3.42 16.80
CA GLY A 265 2.75 2.86 16.00
C GLY A 265 2.88 3.17 14.53
N CYS A 266 4.04 3.67 14.10
CA CYS A 266 4.37 3.87 12.68
C CYS A 266 5.91 3.89 12.45
N ALA A 267 6.34 3.68 11.22
CA ALA A 267 7.76 3.68 10.92
C ALA A 267 8.39 5.04 11.20
N VAL A 268 7.77 6.14 10.76
CA VAL A 268 8.45 7.46 10.74
C VAL A 268 7.54 8.51 11.32
N MET A 269 7.99 9.18 12.36
CA MET A 269 7.20 10.28 12.92
C MET A 269 8.09 11.54 12.87
N ASN A 270 7.70 12.54 12.07
CA ASN A 270 8.44 13.83 12.01
C ASN A 270 8.00 14.74 13.18
N TYR A 271 8.97 15.49 13.73
CA TYR A 271 8.69 16.44 14.77
C TYR A 271 9.01 17.78 14.17
N CYS A 272 7.96 18.47 13.75
CA CYS A 272 8.15 19.64 12.90
C CYS A 272 8.55 20.90 13.67
N SER A 273 8.39 20.90 14.99
CA SER A 273 8.78 22.07 15.80
C SER A 273 10.32 22.17 15.97
N VAL A 274 10.86 23.37 15.75
CA VAL A 274 12.29 23.68 15.93
C VAL A 274 12.68 23.45 17.40
N ASP A 275 11.68 23.41 18.27
CA ASP A 275 11.90 23.36 19.71
C ASP A 275 12.00 21.91 20.20
N VAL A 276 11.73 20.94 19.33
CA VAL A 276 12.03 19.51 19.58
C VAL A 276 13.36 19.23 18.87
N PRO A 277 14.35 18.70 19.61
CA PRO A 277 15.71 18.79 19.11
C PRO A 277 16.02 17.72 18.04
N TYR A 278 15.25 16.64 18.05
CA TYR A 278 15.39 15.66 17.00
C TYR A 278 14.40 15.97 15.86
N THR A 279 14.82 15.60 14.66
CA THR A 279 14.08 15.79 13.45
C THR A 279 12.91 14.82 13.42
N ARG A 280 13.20 13.57 13.78
CA ARG A 280 12.22 12.55 13.80
C ARG A 280 12.59 11.37 14.68
N ILE A 281 11.60 10.50 14.90
CA ILE A 281 11.78 9.22 15.55
C ILE A 281 11.40 8.11 14.56
N THR A 282 12.29 7.13 14.37
CA THR A 282 12.00 5.99 13.57
C THR A 282 11.81 4.74 14.42
N GLU A 283 10.82 3.92 14.04
CA GLU A 283 10.54 2.65 14.73
C GLU A 283 10.65 1.53 13.67
N HIS A 284 11.82 0.90 13.66
CA HIS A 284 12.33 0.13 12.55
C HIS A 284 11.48 -1.12 12.23
N LYS A 285 10.79 -1.67 13.22
CA LYS A 285 10.00 -2.89 12.95
C LYS A 285 8.90 -2.60 11.96
N TYR A 286 8.43 -1.33 11.91
CA TYR A 286 7.34 -0.96 10.97
C TYR A 286 7.84 -0.88 9.54
N PHE A 287 9.16 -0.86 9.31
CA PHE A 287 9.67 -1.05 7.93
C PHE A 287 9.55 -2.47 7.43
N SER A 288 9.29 -3.42 8.31
CA SER A 288 9.08 -4.85 7.97
C SER A 288 7.72 -5.34 8.46
N PRO A 289 6.63 -4.75 7.95
CA PRO A 289 5.29 -5.02 8.53
C PRO A 289 4.84 -6.50 8.46
N TRP A 290 5.41 -7.26 7.53
CA TRP A 290 5.14 -8.71 7.44
C TRP A 290 5.75 -9.49 8.58
N GLU A 291 6.46 -8.85 9.52
CA GLU A 291 7.06 -9.55 10.70
C GLU A 291 6.39 -9.07 11.95
N GLN A 292 6.51 -9.84 13.03
CA GLN A 292 5.94 -9.52 14.36
C GLN A 292 7.05 -9.51 15.34
N HIS A 293 7.05 -8.50 16.20
CA HIS A 293 8.10 -8.33 17.21
C HIS A 293 7.46 -7.61 18.37
N ASP A 294 7.71 -8.08 19.58
CA ASP A 294 7.14 -7.47 20.76
C ASP A 294 8.06 -6.33 21.17
N GLY A 295 9.36 -6.61 21.22
CA GLY A 295 10.34 -5.58 21.50
C GLY A 295 10.44 -4.64 20.28
N SER A 296 11.07 -3.48 20.43
CA SER A 296 11.12 -2.50 19.32
C SER A 296 12.37 -1.66 19.42
N VAL A 297 13.18 -1.62 18.37
CA VAL A 297 14.31 -0.72 18.35
C VAL A 297 13.78 0.60 17.72
N CYS A 298 14.02 1.72 18.41
CA CYS A 298 13.71 3.06 17.93
C CYS A 298 14.94 3.95 17.82
N TYR A 299 14.88 4.92 16.92
CA TYR A 299 15.89 5.95 16.82
C TYR A 299 15.29 7.36 16.93
N LYS A 300 15.87 8.17 17.81
CA LYS A 300 15.79 9.60 17.70
C LYS A 300 16.93 10.07 16.84
N GLU A 301 16.62 10.91 15.84
CA GLU A 301 17.56 11.38 14.81
C GLU A 301 17.85 12.90 14.90
N TYR A 302 19.12 13.26 15.04
CA TYR A 302 19.50 14.66 15.21
C TYR A 302 20.42 15.08 14.07
N SER A 303 20.12 16.21 13.42
CA SER A 303 20.94 16.68 12.31
C SER A 303 21.97 17.68 12.79
N ARG A 304 23.18 17.68 12.21
CA ARG A 304 24.32 18.48 12.68
C ARG A 304 25.23 18.64 11.48
N ALA A 305 26.14 19.62 11.50
CA ALA A 305 27.16 19.74 10.48
C ALA A 305 28.07 18.55 10.59
N CYS A 306 28.49 17.98 9.47
CA CYS A 306 29.38 16.85 9.47
C CYS A 306 30.79 17.37 9.78
N GLU A 307 31.36 16.87 10.85
CA GLU A 307 32.73 17.14 11.25
C GLU A 307 33.65 15.98 10.76
N GLU A 308 34.96 16.20 10.89
CA GLU A 308 36.00 15.25 10.47
C GLU A 308 35.69 13.76 10.67
N ASN A 309 35.32 13.36 11.86
CA ASN A 309 35.07 11.93 12.02
C ASN A 309 33.60 11.47 11.90
N ASP A 310 32.69 12.30 11.36
CA ASP A 310 31.31 11.86 11.31
C ASP A 310 31.06 11.26 9.94
N ILE A 311 30.04 10.41 9.82
CA ILE A 311 29.66 9.85 8.54
C ILE A 311 28.94 10.96 7.77
N PRO A 312 29.34 11.21 6.51
CA PRO A 312 28.67 12.18 5.66
C PRO A 312 27.36 11.66 5.07
N TYR A 313 26.25 12.36 5.29
CA TYR A 313 24.96 11.89 4.80
C TYR A 313 24.43 12.75 3.71
N TYR A 314 24.01 13.99 4.04
CA TYR A 314 23.49 14.93 3.01
C TYR A 314 24.48 16.00 2.58
N PRO A 315 24.80 16.03 1.27
CA PRO A 315 25.75 17.01 0.71
C PRO A 315 25.10 18.41 0.71
N ILE A 316 25.82 19.46 1.13
CA ILE A 316 25.24 20.78 1.24
C ILE A 316 25.11 21.47 -0.14
N ARG A 317 26.14 21.36 -0.96
CA ARG A 317 26.06 21.76 -2.38
C ARG A 317 25.67 23.24 -2.59
N GLN A 318 26.08 24.09 -1.68
CA GLN A 318 26.11 25.52 -1.96
C GLN A 318 27.39 25.97 -2.72
N MET A 319 27.37 27.25 -3.11
CA MET A 319 28.45 27.79 -3.94
C MET A 319 29.84 27.46 -3.39
N GLY A 320 30.09 27.71 -2.10
CA GLY A 320 31.32 27.30 -1.44
C GLY A 320 31.75 25.82 -1.69
N GLU A 321 30.76 24.92 -1.57
CA GLU A 321 31.00 23.49 -1.62
C GLU A 321 31.19 23.13 -3.07
N MET A 322 30.44 23.79 -3.95
CA MET A 322 30.64 23.62 -5.37
C MET A 322 32.00 24.20 -5.82
N ALA A 323 32.44 25.31 -5.22
CA ALA A 323 33.77 25.83 -5.59
C ALA A 323 34.86 24.80 -5.17
N LEU A 324 34.81 24.33 -3.95
CA LEU A 324 35.63 23.22 -3.52
C LEU A 324 35.51 22.00 -4.45
N LEU A 325 34.29 21.65 -4.84
CA LEU A 325 34.12 20.47 -5.70
C LEU A 325 34.90 20.65 -7.02
N GLU A 326 34.81 21.85 -7.61
CA GLU A 326 35.51 22.21 -8.87
C GLU A 326 37.05 21.94 -8.80
N LYS A 327 37.67 22.28 -7.66
CA LYS A 327 39.07 22.00 -7.49
C LYS A 327 39.36 20.50 -7.45
N TYR A 328 38.50 19.68 -6.85
CA TYR A 328 38.74 18.24 -6.89
C TYR A 328 38.49 17.68 -8.30
N LEU A 329 37.48 18.20 -8.99
CA LEU A 329 37.25 17.84 -10.40
C LEU A 329 38.46 18.03 -11.31
N SER A 330 39.13 19.19 -11.20
CA SER A 330 40.26 19.44 -12.07
C SER A 330 41.41 18.45 -11.85
N LEU A 331 41.62 17.93 -10.64
CA LEU A 331 42.59 16.84 -10.47
C LEU A 331 42.03 15.56 -11.08
N ALA A 332 40.73 15.33 -10.88
CA ALA A 332 40.13 14.08 -11.33
C ALA A 332 40.27 13.95 -12.84
N GLU A 333 40.08 15.06 -13.55
CA GLU A 333 40.05 15.00 -15.01
C GLU A 333 41.40 14.54 -15.57
N ASN A 334 42.46 14.67 -14.77
CA ASN A 334 43.81 14.33 -15.17
C ASN A 334 44.20 12.90 -14.81
N GLU A 335 43.23 12.09 -14.37
CA GLU A 335 43.49 10.72 -14.06
C GLU A 335 43.24 9.81 -15.27
N THR A 336 43.87 8.64 -15.24
CA THR A 336 43.65 7.63 -16.24
C THR A 336 43.32 6.36 -15.52
N ASN A 337 42.50 5.53 -16.15
CA ASN A 337 42.20 4.22 -15.59
C ASN A 337 41.50 4.25 -14.20
N ILE A 338 40.81 5.33 -13.88
CA ILE A 338 39.98 5.37 -12.68
C ILE A 338 38.63 6.01 -13.03
N THR A 339 37.57 5.56 -12.35
CA THR A 339 36.24 6.16 -12.49
C THR A 339 35.65 6.33 -11.09
N PHE A 340 35.23 7.57 -10.83
CA PHE A 340 34.62 7.97 -9.59
C PHE A 340 33.11 7.82 -9.72
N VAL A 341 32.53 7.05 -8.82
CA VAL A 341 31.08 6.82 -8.92
C VAL A 341 30.37 7.04 -7.55
N GLY A 342 29.03 7.21 -7.56
CA GLY A 342 28.22 7.06 -6.35
C GLY A 342 28.06 8.36 -5.61
N ARG A 343 27.32 8.22 -4.51
CA ARG A 343 26.97 9.36 -3.70
C ARG A 343 28.27 10.07 -3.25
N LEU A 344 29.26 9.32 -2.80
CA LEU A 344 30.49 9.89 -2.23
C LEU A 344 31.49 10.32 -3.29
N GLY A 345 31.55 9.55 -4.39
CA GLY A 345 32.53 9.76 -5.43
C GLY A 345 32.13 10.99 -6.25
N THR A 346 30.85 11.36 -6.20
CA THR A 346 30.35 12.46 -7.08
C THR A 346 29.66 13.58 -6.30
N TYR A 347 29.64 13.44 -4.97
CA TYR A 347 29.12 14.50 -4.12
C TYR A 347 27.68 14.81 -4.47
N ARG A 348 26.87 13.77 -4.52
CA ARG A 348 25.46 13.93 -4.87
C ARG A 348 24.65 12.99 -3.98
N TYR A 349 23.49 13.46 -3.57
CA TYR A 349 22.56 12.57 -2.89
C TYR A 349 21.93 11.72 -4.00
N LEU A 350 21.99 10.39 -3.86
CA LEU A 350 21.37 9.46 -4.84
C LEU A 350 20.51 8.42 -4.16
N ASP A 351 19.29 8.25 -4.67
CA ASP A 351 18.41 7.19 -4.23
C ASP A 351 19.00 5.85 -4.68
N MET A 352 18.60 4.79 -3.99
CA MET A 352 19.03 3.46 -4.34
C MET A 352 18.78 3.15 -5.81
N ASP A 353 17.60 3.49 -6.33
CA ASP A 353 17.35 3.07 -7.71
C ASP A 353 18.21 3.87 -8.72
N VAL A 354 18.40 5.16 -8.45
CA VAL A 354 19.33 5.98 -9.25
C VAL A 354 20.77 5.46 -9.18
N THR A 355 21.22 5.04 -8.00
CA THR A 355 22.57 4.54 -7.84
C THR A 355 22.71 3.28 -8.73
N ILE A 356 21.70 2.41 -8.64
CA ILE A 356 21.71 1.17 -9.39
C ILE A 356 21.75 1.40 -10.92
N ALA A 357 20.90 2.32 -11.38
CA ALA A 357 20.85 2.64 -12.80
C ALA A 357 22.18 3.19 -13.29
N GLU A 358 22.81 4.04 -12.47
CA GLU A 358 24.07 4.65 -12.86
C GLU A 358 25.16 3.61 -12.89
N ALA A 359 25.13 2.68 -11.93
CA ALA A 359 26.12 1.57 -11.93
C ALA A 359 25.98 0.63 -13.16
N LEU A 360 24.74 0.34 -13.56
CA LEU A 360 24.51 -0.42 -14.80
C LEU A 360 25.08 0.32 -16.02
N LYS A 361 24.77 1.62 -16.13
CA LYS A 361 25.33 2.46 -17.19
C LYS A 361 26.86 2.48 -17.21
N THR A 362 27.49 2.62 -16.06
CA THR A 362 28.93 2.80 -15.94
C THR A 362 29.65 1.51 -16.38
N ALA A 363 29.11 0.35 -15.96
CA ALA A 363 29.61 -0.94 -16.45
C ALA A 363 29.45 -1.04 -17.97
N GLU A 364 28.29 -0.61 -18.46
CA GLU A 364 27.99 -0.66 -19.86
C GLU A 364 29.05 0.17 -20.58
N VAL A 365 29.30 1.38 -20.08
CA VAL A 365 30.27 2.25 -20.75
C VAL A 365 31.67 1.61 -20.80
N TYR A 366 32.14 1.05 -19.70
CA TYR A 366 33.40 0.34 -19.67
C TYR A 366 33.51 -0.88 -20.59
N LEU A 367 32.41 -1.63 -20.72
CA LEU A 367 32.34 -2.73 -21.66
C LEU A 367 32.45 -2.19 -23.11
N ASN A 368 31.62 -1.21 -23.46
CA ASN A 368 31.67 -0.62 -24.79
C ASN A 368 33.03 -0.01 -25.13
N SER A 369 33.72 0.50 -24.12
CA SER A 369 34.98 1.15 -24.40
C SER A 369 36.09 0.10 -24.62
N LEU A 370 35.95 -1.08 -24.03
CA LEU A 370 36.86 -2.17 -24.34
C LEU A 370 36.62 -2.64 -25.79
N THR A 371 35.36 -2.82 -26.17
CA THR A 371 35.00 -3.22 -27.54
C THR A 371 35.42 -2.15 -28.57
N ASP A 372 35.43 -0.89 -28.17
CA ASP A 372 35.85 0.16 -29.07
C ASP A 372 37.31 0.57 -28.91
N ASN A 373 38.04 -0.17 -28.09
CA ASN A 373 39.44 0.14 -27.81
C ASN A 373 39.65 1.68 -27.68
N GLN A 374 38.77 2.32 -26.90
CA GLN A 374 38.88 3.74 -26.51
C GLN A 374 39.23 3.85 -25.00
N PRO A 375 39.42 5.08 -24.50
CA PRO A 375 39.59 5.26 -23.04
C PRO A 375 38.28 5.45 -22.21
N MET A 376 38.18 4.71 -21.11
CA MET A 376 37.15 4.89 -20.09
C MET A 376 37.26 6.28 -19.40
N PRO A 377 36.21 7.12 -19.47
CA PRO A 377 36.24 8.41 -18.79
C PRO A 377 36.24 8.30 -17.23
N VAL A 378 36.51 9.44 -16.59
CA VAL A 378 36.65 9.50 -15.13
C VAL A 378 35.28 9.51 -14.42
N PHE A 379 34.31 10.14 -15.09
CA PHE A 379 32.93 10.18 -14.66
C PHE A 379 32.06 9.79 -15.84
N THR A 380 30.97 9.07 -15.57
CA THR A 380 30.05 8.66 -16.63
C THR A 380 28.78 9.43 -16.47
N VAL A 381 28.83 10.42 -15.57
CA VAL A 381 27.67 11.23 -15.31
C VAL A 381 28.10 12.68 -15.25
N SER A 382 27.19 13.60 -15.55
CA SER A 382 27.58 15.01 -15.56
C SER A 382 27.61 15.46 -14.12
N VAL A 383 28.76 16.00 -13.70
CA VAL A 383 28.90 16.52 -12.34
C VAL A 383 29.41 17.99 -12.15
N GLY A 384 29.65 18.73 -13.25
CA GLY A 384 30.27 20.08 -13.19
C GLY A 384 29.36 21.26 -12.83
N LYS B 2 -17.34 -40.48 -17.84
CA LYS B 2 -18.68 -39.99 -18.33
C LYS B 2 -18.85 -38.53 -17.96
N SER B 3 -19.23 -37.74 -18.96
CA SER B 3 -19.46 -36.36 -18.72
C SER B 3 -20.90 -36.06 -18.28
N LYS B 4 -21.05 -35.36 -17.16
CA LYS B 4 -22.35 -35.05 -16.62
C LYS B 4 -22.87 -33.81 -17.26
N LYS B 5 -24.20 -33.67 -17.35
CA LYS B 5 -24.86 -32.42 -17.72
C LYS B 5 -25.07 -31.62 -16.45
N ILE B 6 -24.48 -30.43 -16.42
CA ILE B 6 -24.55 -29.65 -15.20
C ILE B 6 -25.29 -28.36 -15.45
N LEU B 7 -26.30 -28.08 -14.60
CA LEU B 7 -26.99 -26.80 -14.64
C LEU B 7 -26.47 -25.96 -13.47
N ILE B 8 -26.16 -24.69 -13.74
CA ILE B 8 -25.62 -23.85 -12.68
C ILE B 8 -26.46 -22.59 -12.70
N VAL B 9 -27.05 -22.25 -11.55
CA VAL B 9 -27.89 -21.07 -11.52
C VAL B 9 -27.09 -19.90 -10.92
N GLY B 10 -26.78 -18.93 -11.77
CA GLY B 10 -26.05 -17.71 -11.40
C GLY B 10 -24.71 -17.69 -12.10
N ALA B 11 -24.38 -16.54 -12.65
CA ALA B 11 -23.13 -16.33 -13.40
C ALA B 11 -22.21 -15.34 -12.62
N GLY B 12 -22.30 -15.39 -11.30
CA GLY B 12 -21.40 -14.61 -10.42
C GLY B 12 -20.19 -15.48 -10.16
N PHE B 13 -19.35 -15.08 -9.17
CA PHE B 13 -18.22 -15.91 -8.79
C PHE B 13 -18.53 -17.37 -8.49
N SER B 14 -19.59 -17.62 -7.71
CA SER B 14 -19.87 -19.02 -7.33
C SER B 14 -20.13 -19.92 -8.57
N GLY B 15 -21.05 -19.49 -9.42
CA GLY B 15 -21.37 -20.27 -10.60
C GLY B 15 -20.22 -20.37 -11.58
N ALA B 16 -19.53 -19.22 -11.79
CA ALA B 16 -18.49 -19.13 -12.82
C ALA B 16 -17.36 -20.06 -12.43
N VAL B 17 -16.97 -20.09 -11.14
CA VAL B 17 -15.80 -20.86 -10.72
C VAL B 17 -16.10 -22.35 -10.66
N ILE B 18 -17.24 -22.70 -10.08
CA ILE B 18 -17.69 -24.09 -10.11
C ILE B 18 -17.75 -24.54 -11.55
N GLY B 19 -18.35 -23.74 -12.41
CA GLY B 19 -18.50 -24.18 -13.80
C GLY B 19 -17.20 -24.39 -14.59
N ARG B 20 -16.23 -23.53 -14.40
CA ARG B 20 -14.92 -23.72 -14.98
C ARG B 20 -14.20 -24.97 -14.45
N GLN B 21 -14.21 -25.19 -13.14
CA GLN B 21 -13.59 -26.41 -12.62
C GLN B 21 -14.13 -27.70 -13.25
N LEU B 22 -15.44 -27.73 -13.52
CA LEU B 22 -16.04 -28.95 -14.05
C LEU B 22 -15.91 -29.03 -15.55
N ALA B 23 -16.02 -27.88 -16.24
CA ALA B 23 -15.76 -27.81 -17.70
C ALA B 23 -14.40 -28.33 -18.04
N GLU B 24 -13.45 -28.05 -17.17
CA GLU B 24 -12.08 -28.45 -17.45
C GLU B 24 -11.92 -29.94 -17.31
N LYS B 25 -12.86 -30.59 -16.63
CA LYS B 25 -12.73 -32.00 -16.39
C LYS B 25 -13.64 -32.73 -17.35
N GLY B 26 -14.08 -32.06 -18.40
CA GLY B 26 -14.87 -32.74 -19.44
C GLY B 26 -16.38 -32.68 -19.30
N HIS B 27 -16.89 -32.08 -18.22
CA HIS B 27 -18.37 -31.97 -18.03
C HIS B 27 -19.05 -30.91 -18.88
N GLN B 28 -20.34 -31.10 -19.21
CA GLN B 28 -21.10 -30.12 -20.03
C GLN B 28 -21.81 -29.15 -19.08
N VAL B 29 -21.51 -27.86 -19.19
CA VAL B 29 -21.94 -26.89 -18.18
C VAL B 29 -22.86 -25.86 -18.76
N HIS B 30 -24.08 -25.81 -18.22
CA HIS B 30 -25.03 -24.79 -18.59
C HIS B 30 -25.25 -23.83 -17.44
N ILE B 31 -24.81 -22.60 -17.63
CA ILE B 31 -24.92 -21.58 -16.63
C ILE B 31 -26.00 -20.63 -17.06
N ILE B 32 -26.91 -20.22 -16.17
CA ILE B 32 -27.94 -19.27 -16.55
C ILE B 32 -27.96 -18.18 -15.50
N ASP B 33 -28.56 -17.04 -15.83
CA ASP B 33 -28.63 -15.94 -14.86
C ASP B 33 -29.81 -15.16 -15.35
N GLN B 34 -30.67 -14.76 -14.43
CA GLN B 34 -31.87 -13.95 -14.74
C GLN B 34 -31.54 -12.50 -15.06
N ARG B 35 -30.33 -12.05 -14.77
CA ARG B 35 -29.98 -10.67 -15.14
C ARG B 35 -29.52 -10.51 -16.60
N ASP B 36 -29.34 -9.29 -17.09
CA ASP B 36 -28.90 -9.13 -18.48
C ASP B 36 -27.38 -9.11 -18.65
N HIS B 37 -26.64 -9.49 -17.62
CA HIS B 37 -25.17 -9.43 -17.65
C HIS B 37 -24.58 -10.54 -16.74
N ILE B 38 -23.31 -10.88 -16.97
CA ILE B 38 -22.65 -11.82 -16.11
C ILE B 38 -22.18 -11.12 -14.84
N GLY B 39 -21.61 -11.87 -13.90
CA GLY B 39 -20.87 -11.29 -12.80
C GLY B 39 -21.56 -11.22 -11.46
N GLY B 40 -22.90 -11.26 -11.42
CA GLY B 40 -23.62 -11.20 -10.15
C GLY B 40 -23.34 -9.85 -9.49
N ASN B 41 -23.23 -9.83 -8.17
CA ASN B 41 -23.04 -8.54 -7.51
C ASN B 41 -21.63 -7.95 -7.64
N SER B 42 -20.70 -8.70 -8.26
CA SER B 42 -19.35 -8.21 -8.52
C SER B 42 -19.23 -7.41 -9.84
N TYR B 43 -20.33 -7.29 -10.57
CA TYR B 43 -20.32 -6.76 -11.93
C TYR B 43 -19.90 -5.31 -11.97
N ASP B 44 -18.97 -5.00 -12.90
CA ASP B 44 -18.58 -3.60 -13.12
C ASP B 44 -18.75 -3.23 -14.55
N ALA B 45 -18.86 -1.93 -14.81
CA ALA B 45 -18.91 -1.48 -16.19
C ALA B 45 -18.57 0.01 -16.32
N ARG B 46 -18.06 0.40 -17.50
CA ARG B 46 -17.68 1.80 -17.83
C ARG B 46 -18.87 2.70 -18.08
N ASP B 47 -19.02 3.74 -17.28
CA ASP B 47 -19.95 4.81 -17.58
C ASP B 47 -19.65 5.43 -18.96
N SER B 48 -20.69 5.73 -19.75
CA SER B 48 -20.50 6.17 -21.17
C SER B 48 -19.79 7.50 -21.22
N GLU B 49 -20.33 8.47 -20.45
CA GLU B 49 -19.88 9.86 -20.46
C GLU B 49 -18.41 10.07 -19.99
N THR B 50 -18.05 9.42 -18.88
CA THR B 50 -16.76 9.63 -18.18
C THR B 50 -15.71 8.54 -18.42
N ASN B 51 -16.09 7.42 -19.05
CA ASN B 51 -15.23 6.22 -19.12
C ASN B 51 -14.73 5.64 -17.76
N VAL B 52 -15.37 5.99 -16.66
CA VAL B 52 -14.95 5.51 -15.35
C VAL B 52 -15.53 4.11 -15.15
N MET B 53 -14.72 3.16 -14.71
CA MET B 53 -15.20 1.80 -14.39
C MET B 53 -15.97 1.90 -13.09
N VAL B 54 -17.26 1.60 -13.15
CA VAL B 54 -18.15 1.75 -12.06
C VAL B 54 -18.46 0.40 -11.41
N HIS B 55 -18.34 0.32 -10.08
CA HIS B 55 -18.74 -0.89 -9.36
C HIS B 55 -20.23 -0.82 -9.12
N VAL B 56 -20.98 -1.44 -10.02
CA VAL B 56 -22.43 -1.24 -10.17
C VAL B 56 -23.18 -1.58 -8.91
N TYR B 57 -22.79 -2.64 -8.21
CA TYR B 57 -23.54 -3.00 -7.02
C TYR B 57 -22.83 -2.60 -5.74
N GLY B 58 -22.03 -1.51 -5.87
CA GLY B 58 -21.20 -1.03 -4.75
C GLY B 58 -19.75 -1.51 -4.76
N PRO B 59 -18.88 -0.87 -3.94
CA PRO B 59 -17.46 -1.12 -3.97
C PRO B 59 -17.13 -2.56 -3.77
N HIS B 60 -16.23 -3.09 -4.59
CA HIS B 60 -15.73 -4.44 -4.40
C HIS B 60 -14.20 -4.40 -4.42
N ILE B 61 -13.61 -4.63 -3.26
CA ILE B 61 -12.20 -4.60 -3.10
C ILE B 61 -11.76 -6.03 -2.88
N PHE B 62 -10.89 -6.57 -3.73
CA PHE B 62 -10.37 -7.89 -3.51
C PHE B 62 -9.28 -8.01 -2.42
N HIS B 63 -9.50 -8.90 -1.44
CA HIS B 63 -8.55 -9.08 -0.33
C HIS B 63 -8.62 -10.52 0.12
N THR B 64 -7.45 -11.09 0.47
CA THR B 64 -7.34 -12.45 0.87
C THR B 64 -6.00 -12.75 1.53
N ASP B 65 -6.05 -13.72 2.43
CA ASP B 65 -4.83 -14.37 2.97
C ASP B 65 -4.60 -15.69 2.25
N ASN B 66 -5.46 -16.00 1.27
CA ASN B 66 -5.42 -17.33 0.59
C ASN B 66 -4.68 -17.34 -0.75
N GLU B 67 -3.47 -17.88 -0.73
CA GLU B 67 -2.59 -17.66 -1.89
C GLU B 67 -3.04 -18.50 -3.07
N THR B 68 -3.69 -19.62 -2.82
CA THR B 68 -4.28 -20.40 -3.93
C THR B 68 -5.32 -19.56 -4.68
N VAL B 69 -6.10 -18.80 -3.91
CA VAL B 69 -7.19 -18.03 -4.49
C VAL B 69 -6.57 -16.86 -5.26
N TRP B 70 -5.67 -16.11 -4.62
CA TRP B 70 -4.87 -15.07 -5.34
C TRP B 70 -4.25 -15.59 -6.63
N ASN B 71 -3.54 -16.74 -6.56
CA ASN B 71 -2.94 -17.22 -7.77
C ASN B 71 -4.02 -17.52 -8.79
N TYR B 72 -5.18 -17.96 -8.31
CA TYR B 72 -6.25 -18.36 -9.25
C TYR B 72 -6.80 -17.15 -10.03
N ILE B 73 -7.14 -16.06 -9.33
CA ILE B 73 -7.62 -14.89 -10.07
C ILE B 73 -6.51 -14.21 -10.94
N ASN B 74 -5.24 -14.38 -10.55
CA ASN B 74 -4.12 -13.80 -11.34
C ASN B 74 -3.97 -14.50 -12.66
N LYS B 75 -4.64 -15.67 -12.76
CA LYS B 75 -4.68 -16.41 -14.04
C LYS B 75 -5.76 -15.84 -14.95
N HIS B 76 -6.56 -14.90 -14.44
CA HIS B 76 -7.75 -14.48 -15.18
C HIS B 76 -7.83 -13.00 -15.27
N ALA B 77 -6.83 -12.30 -14.73
CA ALA B 77 -6.87 -10.83 -14.62
C ALA B 77 -5.44 -10.41 -14.29
N GLU B 78 -5.15 -9.13 -14.44
CA GLU B 78 -3.95 -8.58 -13.90
C GLU B 78 -4.33 -7.76 -12.64
N MET B 79 -3.93 -8.22 -11.48
CA MET B 79 -4.24 -7.53 -10.24
C MET B 79 -3.29 -6.38 -10.00
N MET B 80 -3.86 -5.17 -9.87
CA MET B 80 -3.16 -3.97 -9.64
C MET B 80 -3.16 -3.70 -8.14
N PRO B 81 -2.03 -3.18 -7.59
CA PRO B 81 -2.07 -2.93 -6.14
C PRO B 81 -3.06 -1.82 -5.79
N TYR B 82 -3.61 -1.94 -4.60
CA TYR B 82 -4.67 -1.06 -4.14
C TYR B 82 -4.82 -1.34 -2.65
N VAL B 83 -4.94 -0.28 -1.85
CA VAL B 83 -5.16 -0.39 -0.45
C VAL B 83 -6.38 0.46 -0.14
N ASN B 84 -7.43 -0.20 0.35
CA ASN B 84 -8.63 0.54 0.75
C ASN B 84 -8.39 1.40 1.98
N ARG B 85 -8.58 2.71 1.85
CA ARG B 85 -8.38 3.64 2.93
C ARG B 85 -9.59 4.57 3.02
N VAL B 86 -10.55 4.16 3.87
CA VAL B 86 -11.81 4.84 4.12
C VAL B 86 -11.66 6.09 5.00
N LYS B 87 -12.30 7.18 4.58
CA LYS B 87 -12.38 8.38 5.40
C LYS B 87 -13.79 8.55 5.92
N ALA B 88 -13.97 9.29 7.01
CA ALA B 88 -15.27 9.51 7.59
C ALA B 88 -15.44 10.94 7.97
N THR B 89 -16.59 11.50 7.58
CA THR B 89 -16.92 12.86 7.97
C THR B 89 -17.93 12.82 9.12
N VAL B 90 -17.57 13.44 10.23
CA VAL B 90 -18.53 13.63 11.33
C VAL B 90 -18.10 14.73 12.29
N ASN B 91 -19.10 15.42 12.86
CA ASN B 91 -18.84 16.48 13.83
C ASN B 91 -17.93 17.59 13.26
N GLY B 92 -18.15 17.97 12.00
CA GLY B 92 -17.31 19.05 11.38
C GLY B 92 -15.83 18.72 11.11
N GLN B 93 -15.48 17.43 11.15
CA GLN B 93 -14.14 16.97 10.88
C GLN B 93 -14.10 15.78 9.91
N VAL B 94 -12.93 15.51 9.35
CA VAL B 94 -12.69 14.29 8.57
C VAL B 94 -11.66 13.34 9.22
N PHE B 95 -11.98 12.06 9.29
CA PHE B 95 -11.14 11.14 10.04
C PHE B 95 -10.83 9.98 9.16
N SER B 96 -9.78 9.25 9.52
CA SER B 96 -9.62 7.92 8.97
C SER B 96 -10.32 6.84 9.77
N LEU B 97 -10.88 5.90 9.02
CA LEU B 97 -11.37 4.67 9.56
C LEU B 97 -10.45 3.54 9.06
N PRO B 98 -10.46 2.39 9.71
CA PRO B 98 -11.24 2.08 10.93
C PRO B 98 -10.61 2.81 12.08
N ILE B 99 -11.29 2.91 13.20
CA ILE B 99 -10.75 3.72 14.28
C ILE B 99 -9.32 3.31 14.55
N ASN B 100 -8.36 4.27 14.54
CA ASN B 100 -6.96 3.93 14.76
C ASN B 100 -6.31 5.01 15.59
N LEU B 101 -4.99 5.00 15.78
CA LEU B 101 -4.38 5.99 16.67
C LEU B 101 -4.46 7.44 16.14
N HIS B 102 -4.47 7.64 14.80
CA HIS B 102 -4.79 8.96 14.27
C HIS B 102 -6.21 9.44 14.60
N THR B 103 -7.22 8.57 14.45
CA THR B 103 -8.61 8.89 14.78
C THR B 103 -8.72 9.36 16.23
N ILE B 104 -8.06 8.62 17.12
CA ILE B 104 -8.11 8.86 18.57
C ILE B 104 -7.40 10.18 18.87
N ASN B 105 -6.17 10.30 18.40
CA ASN B 105 -5.49 11.56 18.61
C ASN B 105 -6.26 12.76 18.04
N GLN B 106 -6.84 12.63 16.84
CA GLN B 106 -7.44 13.78 16.24
C GLN B 106 -8.78 14.10 16.99
N PHE B 107 -9.50 13.05 17.36
CA PHE B 107 -10.80 13.18 17.95
C PHE B 107 -10.71 13.91 19.29
N PHE B 108 -9.77 13.45 20.13
CA PHE B 108 -9.52 13.99 21.46
C PHE B 108 -8.45 15.10 21.54
N SER B 109 -7.81 15.47 20.43
CA SER B 109 -6.77 16.53 20.45
C SER B 109 -5.57 16.16 21.32
N LYS B 110 -5.07 14.96 21.09
CA LYS B 110 -3.96 14.46 21.90
C LYS B 110 -2.80 14.05 20.99
N THR B 111 -1.67 13.78 21.62
CA THR B 111 -0.53 13.24 20.95
C THR B 111 -0.15 11.91 21.61
N CYS B 112 -1.14 11.08 21.92
CA CYS B 112 -0.84 9.79 22.55
C CYS B 112 0.10 8.83 21.75
N SER B 113 1.00 8.17 22.48
CA SER B 113 1.61 6.90 22.00
C SER B 113 0.58 5.72 22.01
N PRO B 114 0.91 4.56 21.37
CA PRO B 114 -0.06 3.44 21.42
C PRO B 114 -0.50 3.06 22.83
N ASP B 115 0.43 2.93 23.77
CA ASP B 115 0.04 2.54 25.13
C ASP B 115 -0.64 3.62 25.88
N GLU B 116 -0.21 4.87 25.65
CA GLU B 116 -0.94 6.01 26.24
C GLU B 116 -2.39 6.05 25.75
N ALA B 117 -2.59 5.76 24.47
CA ALA B 117 -3.97 5.70 23.98
C ALA B 117 -4.83 4.54 24.56
N ARG B 118 -4.23 3.35 24.72
CA ARG B 118 -4.85 2.23 25.50
C ARG B 118 -5.30 2.70 26.87
N ALA B 119 -4.48 3.46 27.57
CA ALA B 119 -4.89 3.97 28.88
C ALA B 119 -6.01 5.02 28.79
N LEU B 120 -6.02 5.78 27.68
CA LEU B 120 -7.00 6.80 27.47
C LEU B 120 -8.34 6.12 27.19
N ILE B 121 -8.35 5.11 26.30
CA ILE B 121 -9.60 4.44 26.01
C ILE B 121 -10.15 3.60 27.23
N ALA B 122 -9.28 2.89 27.94
CA ALA B 122 -9.67 2.18 29.17
C ALA B 122 -10.42 3.11 30.15
N GLU B 123 -9.83 4.25 30.48
CA GLU B 123 -10.52 5.29 31.27
C GLU B 123 -11.94 5.59 30.78
N LYS B 124 -12.10 5.77 29.47
CA LYS B 124 -13.33 6.27 28.88
C LYS B 124 -14.38 5.17 28.77
N GLY B 125 -13.92 3.92 28.76
CA GLY B 125 -14.84 2.81 28.81
C GLY B 125 -15.58 2.73 30.15
N ASP B 126 -16.71 2.03 30.15
CA ASP B 126 -17.56 1.88 31.36
C ASP B 126 -16.99 1.04 32.50
N SER B 127 -17.02 -0.29 32.32
CA SER B 127 -16.85 -1.28 33.42
C SER B 127 -18.05 -1.30 34.42
N THR B 128 -18.79 -0.19 34.51
CA THR B 128 -19.93 -0.02 35.44
C THR B 128 -21.19 -0.83 35.06
N THR B 134 -24.55 -7.40 23.47
CA THR B 134 -25.10 -6.28 22.68
C THR B 134 -24.08 -5.22 22.14
N PHE B 135 -24.53 -4.50 21.11
CA PHE B 135 -23.76 -3.44 20.48
C PHE B 135 -23.65 -2.26 21.44
N GLU B 136 -24.78 -1.67 21.87
CA GLU B 136 -24.68 -0.49 22.72
C GLU B 136 -23.96 -0.76 24.04
N GLU B 137 -23.95 -2.03 24.47
CA GLU B 137 -23.20 -2.51 25.66
C GLU B 137 -21.72 -2.64 25.39
N GLN B 138 -21.37 -3.31 24.31
CA GLN B 138 -19.96 -3.56 24.03
C GLN B 138 -19.24 -2.21 23.77
N ALA B 139 -19.94 -1.31 23.08
CA ALA B 139 -19.37 0.00 22.70
C ALA B 139 -19.03 0.80 23.94
N LEU B 140 -20.02 0.97 24.84
CA LEU B 140 -19.85 1.83 26.01
C LEU B 140 -18.82 1.26 26.95
N ARG B 141 -18.82 -0.06 27.06
CA ARG B 141 -17.81 -0.70 27.88
C ARG B 141 -16.44 -0.53 27.25
N PHE B 142 -16.33 -0.74 25.95
CA PHE B 142 -15.00 -0.86 25.37
C PHE B 142 -14.31 0.42 24.81
N ILE B 143 -15.09 1.40 24.35
CA ILE B 143 -14.56 2.60 23.68
C ILE B 143 -15.14 3.92 24.19
N GLY B 144 -16.16 3.84 25.05
CA GLY B 144 -16.72 5.04 25.65
C GLY B 144 -17.80 5.73 24.84
N LYS B 145 -18.61 6.53 25.54
CA LYS B 145 -19.74 7.28 24.97
C LYS B 145 -19.41 8.14 23.73
N GLU B 146 -18.34 8.92 23.84
CA GLU B 146 -18.00 9.94 22.84
C GLU B 146 -17.69 9.32 21.48
N LEU B 147 -16.79 8.32 21.46
CA LEU B 147 -16.49 7.58 20.26
C LEU B 147 -17.70 6.81 19.75
N TYR B 148 -18.37 6.09 20.65
CA TYR B 148 -19.53 5.31 20.25
C TYR B 148 -20.56 6.22 19.55
N GLU B 149 -20.83 7.36 20.14
CA GLU B 149 -21.87 8.24 19.59
C GLU B 149 -21.43 8.97 18.32
N ALA B 150 -20.12 9.24 18.21
CA ALA B 150 -19.60 9.94 17.01
C ALA B 150 -19.58 9.00 15.80
N PHE B 151 -18.96 7.84 15.93
CA PHE B 151 -18.64 6.97 14.80
C PHE B 151 -19.53 5.78 14.58
N PHE B 152 -20.25 5.35 15.61
CA PHE B 152 -20.95 4.06 15.56
C PHE B 152 -22.46 4.12 15.62
N LYS B 153 -23.00 5.02 16.45
CA LYS B 153 -24.38 4.98 16.84
C LYS B 153 -25.24 5.40 15.68
N GLY B 154 -24.97 6.60 15.15
CA GLY B 154 -25.63 7.07 13.93
C GLY B 154 -25.53 6.18 12.68
N TYR B 155 -24.31 5.69 12.39
CA TYR B 155 -24.05 4.89 11.19
C TYR B 155 -24.76 3.52 11.31
N THR B 156 -24.67 2.92 12.52
CA THR B 156 -25.37 1.68 12.78
C THR B 156 -26.90 1.77 12.57
N ILE B 157 -27.53 2.80 13.09
CA ILE B 157 -28.94 3.02 12.90
C ILE B 157 -29.29 3.12 11.43
N LYS B 158 -28.48 3.87 10.69
CA LYS B 158 -28.71 4.02 9.26
C LYS B 158 -28.42 2.77 8.47
N GLN B 159 -27.39 2.04 8.86
CA GLN B 159 -27.03 0.88 8.10
C GLN B 159 -28.03 -0.31 8.33
N TRP B 160 -28.42 -0.53 9.59
CA TRP B 160 -29.24 -1.69 9.97
C TRP B 160 -30.73 -1.37 10.20
N GLY B 161 -31.06 -0.09 10.42
CA GLY B 161 -32.42 0.35 10.60
C GLY B 161 -32.90 -0.02 11.99
N MET B 162 -31.97 -0.10 12.94
CA MET B 162 -32.28 -0.46 14.31
C MET B 162 -31.33 0.30 15.22
N GLN B 163 -31.79 0.58 16.43
CA GLN B 163 -30.94 1.14 17.47
C GLN B 163 -29.91 0.09 17.87
N PRO B 164 -28.72 0.54 18.29
CA PRO B 164 -27.69 -0.43 18.67
C PRO B 164 -28.03 -1.16 19.96
N SER B 165 -28.86 -0.54 20.79
CA SER B 165 -29.35 -1.20 22.04
C SER B 165 -30.04 -2.55 21.78
N GLU B 166 -30.29 -2.86 20.50
CA GLU B 166 -31.04 -4.02 20.06
C GLU B 166 -30.21 -5.05 19.35
N LEU B 167 -28.89 -5.00 19.48
CA LEU B 167 -28.03 -5.79 18.59
C LEU B 167 -26.88 -6.51 19.30
N PRO B 168 -26.32 -7.62 18.74
CA PRO B 168 -25.28 -8.41 19.46
C PRO B 168 -23.83 -7.89 19.48
N ALA B 169 -23.13 -8.18 20.60
CA ALA B 169 -21.76 -7.73 20.79
C ALA B 169 -20.86 -7.96 19.57
N SER B 170 -21.05 -9.10 18.89
CA SER B 170 -20.27 -9.41 17.69
C SER B 170 -20.47 -8.26 16.68
N ILE B 171 -19.70 -8.25 15.59
CA ILE B 171 -19.71 -7.13 14.60
C ILE B 171 -18.71 -6.03 15.00
N LEU B 172 -18.92 -5.49 16.20
CA LEU B 172 -18.04 -4.51 16.80
C LEU B 172 -16.80 -5.24 17.33
N LYS B 173 -17.05 -6.39 17.94
CA LYS B 173 -15.99 -7.33 18.33
C LYS B 173 -15.08 -7.62 17.10
N ARG B 174 -15.69 -7.61 15.89
CA ARG B 174 -14.99 -7.78 14.60
C ARG B 174 -14.21 -6.51 14.12
N LEU B 175 -14.35 -5.40 14.85
CA LEU B 175 -13.64 -4.13 14.57
C LEU B 175 -12.94 -3.56 15.84
N PRO B 176 -11.83 -4.21 16.22
CA PRO B 176 -11.21 -3.68 17.43
C PRO B 176 -10.54 -2.31 17.10
N VAL B 177 -10.54 -1.35 18.04
CA VAL B 177 -9.70 -0.16 17.95
C VAL B 177 -8.28 -0.62 17.63
N ARG B 178 -7.64 0.02 16.65
CA ARG B 178 -6.24 -0.26 16.32
C ARG B 178 -5.33 0.78 16.96
N PHE B 179 -4.44 0.37 17.82
CA PHE B 179 -3.59 1.35 18.51
C PHE B 179 -2.28 1.52 17.71
N ASN B 180 -2.42 1.82 16.42
CA ASN B 180 -1.25 2.17 15.59
C ASN B 180 -1.77 3.05 14.46
N TYR B 181 -0.89 3.46 13.56
CA TYR B 181 -1.27 4.42 12.52
C TYR B 181 -1.64 3.71 11.22
N ASP B 182 -1.89 2.41 11.32
CA ASP B 182 -2.21 1.67 10.12
C ASP B 182 -3.67 1.93 9.81
N ASP B 183 -3.91 2.54 8.65
CA ASP B 183 -5.31 2.81 8.25
C ASP B 183 -5.81 1.97 7.04
N ASN B 184 -5.12 0.88 6.72
CA ASN B 184 -5.59 -0.09 5.68
C ASN B 184 -6.89 -0.67 6.18
N TYR B 185 -7.99 -0.58 5.43
CA TYR B 185 -9.25 -1.18 5.90
C TYR B 185 -9.13 -2.70 6.11
N PHE B 186 -8.30 -3.37 5.29
CA PHE B 186 -8.16 -4.83 5.34
C PHE B 186 -6.79 -5.38 5.75
N ASN B 187 -6.75 -6.24 6.73
CA ASN B 187 -5.48 -6.77 7.17
C ASN B 187 -4.89 -7.94 6.41
N HIS B 188 -5.38 -8.22 5.23
CA HIS B 188 -5.05 -9.42 4.51
C HIS B 188 -3.75 -9.25 3.76
N LYS B 189 -3.07 -10.36 3.60
CA LYS B 189 -1.83 -10.39 2.86
C LYS B 189 -1.93 -9.84 1.44
N PHE B 190 -2.91 -10.31 0.66
CA PHE B 190 -3.02 -9.91 -0.73
C PHE B 190 -4.19 -8.97 -0.92
N GLN B 191 -3.97 -7.88 -1.63
CA GLN B 191 -5.03 -6.99 -1.83
C GLN B 191 -4.89 -6.22 -3.13
N GLY B 192 -5.94 -6.07 -3.92
CA GLY B 192 -5.82 -5.34 -5.20
C GLY B 192 -7.12 -5.21 -5.98
N MET B 193 -7.04 -4.62 -7.18
CA MET B 193 -8.15 -4.47 -8.08
C MET B 193 -7.74 -4.96 -9.42
N PRO B 194 -8.65 -5.63 -10.14
CA PRO B 194 -8.26 -6.18 -11.46
C PRO B 194 -8.21 -5.07 -12.49
N LYS B 195 -7.19 -5.13 -13.34
CA LYS B 195 -6.91 -3.95 -14.17
C LYS B 195 -8.07 -3.66 -15.07
N CYS B 196 -8.65 -4.71 -15.65
CA CYS B 196 -9.79 -4.55 -16.55
C CYS B 196 -11.17 -4.85 -15.89
N GLY B 197 -11.19 -4.96 -14.55
CA GLY B 197 -12.50 -5.08 -13.82
C GLY B 197 -12.96 -6.54 -13.60
N TYR B 198 -13.87 -6.73 -12.67
CA TYR B 198 -14.35 -8.07 -12.34
C TYR B 198 -15.14 -8.70 -13.49
N THR B 199 -15.85 -7.89 -14.26
CA THR B 199 -16.66 -8.45 -15.34
C THR B 199 -15.74 -9.18 -16.33
N GLN B 200 -14.66 -8.54 -16.77
CA GLN B 200 -13.62 -9.29 -17.61
C GLN B 200 -13.00 -10.45 -16.93
N MET B 201 -12.70 -10.32 -15.65
CA MET B 201 -12.15 -11.43 -14.92
C MET B 201 -13.12 -12.59 -14.92
N ILE B 202 -14.42 -12.31 -14.83
CA ILE B 202 -15.41 -13.45 -14.81
C ILE B 202 -15.69 -13.95 -16.23
N LYS B 203 -15.62 -13.06 -17.17
CA LYS B 203 -15.66 -13.39 -18.57
C LYS B 203 -14.53 -14.38 -18.92
N SER B 204 -13.34 -14.16 -18.40
CA SER B 204 -12.29 -15.16 -18.65
C SER B 204 -12.54 -16.47 -17.89
N ILE B 205 -13.08 -16.40 -16.67
CA ILE B 205 -13.35 -17.64 -15.96
C ILE B 205 -14.39 -18.47 -16.77
N LEU B 206 -15.33 -17.77 -17.39
CA LEU B 206 -16.39 -18.43 -18.17
C LEU B 206 -15.97 -18.89 -19.56
N ASN B 207 -14.77 -18.50 -20.01
CA ASN B 207 -14.34 -18.76 -21.41
C ASN B 207 -13.81 -20.18 -21.56
N HIS B 208 -14.69 -21.12 -21.86
CA HIS B 208 -14.28 -22.50 -22.04
C HIS B 208 -15.35 -23.10 -22.91
N GLU B 209 -14.92 -24.02 -23.75
CA GLU B 209 -15.70 -24.63 -24.81
C GLU B 209 -16.89 -25.42 -24.20
N ASN B 210 -16.68 -25.98 -23.02
CA ASN B 210 -17.71 -26.79 -22.38
C ASN B 210 -18.70 -25.93 -21.54
N ILE B 211 -18.65 -24.60 -21.69
CA ILE B 211 -19.56 -23.76 -20.89
C ILE B 211 -20.52 -23.02 -21.79
N LYS B 212 -21.82 -23.18 -21.57
CA LYS B 212 -22.77 -22.35 -22.27
C LYS B 212 -23.46 -21.44 -21.26
N VAL B 213 -23.50 -20.14 -21.56
CA VAL B 213 -24.05 -19.14 -20.69
C VAL B 213 -25.28 -18.56 -21.33
N ASP B 214 -26.40 -18.55 -20.62
CA ASP B 214 -27.58 -17.83 -21.10
C ASP B 214 -28.06 -16.78 -20.10
N LEU B 215 -28.17 -15.54 -20.55
CA LEU B 215 -28.59 -14.45 -19.72
C LEU B 215 -30.09 -14.24 -19.87
N GLN B 216 -30.63 -13.36 -19.01
CA GLN B 216 -32.05 -13.05 -19.02
C GLN B 216 -32.83 -14.37 -18.92
N ARG B 217 -32.29 -15.31 -18.15
CA ARG B 217 -32.89 -16.63 -18.04
C ARG B 217 -33.17 -17.03 -16.57
N GLU B 218 -34.45 -17.29 -16.27
CA GLU B 218 -34.91 -17.63 -14.91
C GLU B 218 -34.78 -19.10 -14.69
N PHE B 219 -34.32 -19.50 -13.51
CA PHE B 219 -34.42 -20.90 -13.11
C PHE B 219 -35.93 -21.26 -13.04
N ILE B 220 -36.27 -22.46 -13.49
CA ILE B 220 -37.61 -23.02 -13.50
C ILE B 220 -37.40 -24.39 -12.93
N VAL B 221 -38.08 -24.74 -11.83
CA VAL B 221 -37.91 -26.11 -11.26
C VAL B 221 -38.12 -27.26 -12.27
N ASP B 222 -39.02 -27.10 -13.26
CA ASP B 222 -39.26 -28.15 -14.28
C ASP B 222 -37.93 -28.52 -15.01
N GLU B 223 -36.97 -27.59 -15.10
CA GLU B 223 -35.70 -27.89 -15.79
C GLU B 223 -34.88 -28.93 -15.05
N ARG B 224 -35.03 -29.07 -13.72
CA ARG B 224 -34.11 -29.95 -12.96
C ARG B 224 -33.84 -31.33 -13.58
N THR B 225 -34.89 -31.92 -14.19
CA THR B 225 -34.84 -33.33 -14.56
C THR B 225 -34.01 -33.50 -15.79
N HIS B 226 -33.71 -32.40 -16.48
CA HIS B 226 -32.77 -32.47 -17.60
C HIS B 226 -31.28 -32.52 -17.26
N TYR B 227 -30.92 -32.64 -15.98
CA TYR B 227 -29.51 -32.51 -15.58
C TYR B 227 -29.15 -33.54 -14.57
N ASP B 228 -27.87 -33.96 -14.60
CA ASP B 228 -27.36 -34.89 -13.59
C ASP B 228 -27.17 -34.16 -12.25
N HIS B 229 -26.88 -32.88 -12.31
CA HIS B 229 -26.71 -32.10 -11.08
C HIS B 229 -26.94 -30.64 -11.27
N VAL B 230 -27.39 -29.97 -10.20
CA VAL B 230 -27.62 -28.55 -10.26
C VAL B 230 -26.80 -27.88 -9.16
N PHE B 231 -26.14 -26.77 -9.47
CA PHE B 231 -25.51 -25.95 -8.43
C PHE B 231 -26.32 -24.66 -8.42
N TYR B 232 -26.86 -24.30 -7.26
CA TYR B 232 -27.83 -23.17 -7.18
C TYR B 232 -27.26 -22.04 -6.34
N SER B 233 -27.03 -20.87 -6.93
CA SER B 233 -26.51 -19.79 -6.11
C SER B 233 -27.54 -18.63 -5.95
N GLY B 234 -28.80 -18.89 -6.30
CA GLY B 234 -29.82 -17.92 -6.04
C GLY B 234 -30.37 -18.08 -4.61
N PRO B 235 -31.22 -17.18 -4.16
CA PRO B 235 -31.69 -17.24 -2.78
C PRO B 235 -32.35 -18.58 -2.39
N LEU B 236 -31.97 -19.11 -1.22
CA LEU B 236 -32.47 -20.37 -0.74
C LEU B 236 -34.00 -20.32 -0.51
N ASP B 237 -34.47 -19.25 0.10
CA ASP B 237 -35.92 -19.06 0.37
C ASP B 237 -36.76 -19.03 -0.92
N ALA B 238 -36.26 -18.41 -1.98
CA ALA B 238 -37.01 -18.32 -3.25
C ALA B 238 -37.10 -19.64 -3.90
N PHE B 239 -36.02 -20.41 -3.83
CA PHE B 239 -36.06 -21.71 -4.37
C PHE B 239 -37.34 -22.47 -3.83
N TYR B 240 -37.61 -22.28 -2.54
CA TYR B 240 -38.76 -22.96 -1.92
C TYR B 240 -40.00 -22.08 -1.84
N GLY B 241 -40.10 -21.12 -2.75
CA GLY B 241 -41.34 -20.42 -2.93
C GLY B 241 -41.64 -19.48 -1.77
N TYR B 242 -40.62 -19.17 -0.97
CA TYR B 242 -40.78 -18.34 0.24
C TYR B 242 -41.90 -18.91 1.16
N GLN B 243 -42.06 -20.22 1.14
CA GLN B 243 -43.19 -20.86 1.85
C GLN B 243 -43.23 -20.64 3.36
N TYR B 244 -42.11 -20.26 3.94
CA TYR B 244 -42.09 -19.99 5.36
C TYR B 244 -41.93 -18.53 5.66
N GLY B 245 -41.81 -17.67 4.62
CA GLY B 245 -41.39 -16.23 4.78
C GLY B 245 -40.02 -15.93 4.11
N ARG B 246 -39.70 -14.66 4.02
CA ARG B 246 -38.56 -14.12 3.28
C ARG B 246 -37.47 -13.81 4.29
N LEU B 247 -36.29 -14.32 4.01
CA LEU B 247 -35.09 -14.10 4.84
C LEU B 247 -34.78 -12.61 4.83
N GLY B 248 -34.57 -12.04 6.00
CA GLY B 248 -34.44 -10.59 6.11
C GLY B 248 -33.07 -10.13 5.55
N TYR B 249 -33.12 -9.09 4.72
CA TYR B 249 -31.93 -8.40 4.19
C TYR B 249 -32.11 -6.89 4.33
N ARG B 250 -30.98 -6.18 4.31
CA ARG B 250 -30.95 -4.75 4.04
C ARG B 250 -30.73 -4.64 2.57
N THR B 251 -31.35 -3.66 1.94
CA THR B 251 -30.98 -3.33 0.57
C THR B 251 -30.32 -1.93 0.45
N LEU B 252 -29.82 -1.58 -0.73
CA LEU B 252 -29.12 -0.30 -0.87
C LEU B 252 -29.66 0.42 -2.12
N ASP B 253 -29.86 1.74 -2.00
CA ASP B 253 -30.16 2.57 -3.17
C ASP B 253 -28.92 3.43 -3.47
N PHE B 254 -28.56 3.52 -4.74
CA PHE B 254 -27.46 4.37 -5.17
C PHE B 254 -27.99 5.54 -6.01
N LYS B 255 -27.71 6.75 -5.57
CA LYS B 255 -28.06 7.91 -6.41
C LYS B 255 -26.81 8.36 -7.15
N LYS B 256 -26.81 8.14 -8.46
CA LYS B 256 -25.71 8.48 -9.27
C LYS B 256 -25.67 9.98 -9.54
N PHE B 257 -24.47 10.57 -9.49
CA PHE B 257 -24.20 11.89 -10.10
C PHE B 257 -22.81 11.97 -10.77
N ILE B 258 -22.64 13.00 -11.59
CA ILE B 258 -21.38 13.21 -12.29
C ILE B 258 -20.75 14.55 -11.89
N TYR B 259 -19.48 14.47 -11.46
CA TYR B 259 -18.67 15.68 -11.15
C TYR B 259 -17.51 15.83 -12.12
N GLN B 260 -17.36 17.02 -12.66
CA GLN B 260 -16.21 17.33 -13.51
C GLN B 260 -15.01 17.75 -12.60
N GLY B 261 -14.09 16.81 -12.35
CA GLY B 261 -13.07 16.97 -11.32
C GLY B 261 -13.03 15.78 -10.33
N ASP B 262 -12.56 16.08 -9.14
CA ASP B 262 -12.47 15.15 -8.07
C ASP B 262 -13.45 15.63 -7.02
N TYR B 263 -14.53 14.88 -6.85
CA TYR B 263 -15.62 15.31 -6.01
C TYR B 263 -15.22 15.27 -4.51
N GLN B 264 -14.48 14.22 -4.10
CA GLN B 264 -14.15 14.10 -2.64
C GLN B 264 -12.71 13.68 -2.36
N GLY B 265 -12.06 13.04 -3.33
CA GLY B 265 -10.61 12.79 -3.23
C GLY B 265 -10.20 11.47 -2.57
N CYS B 266 -11.12 10.51 -2.55
CA CYS B 266 -10.91 9.16 -2.02
C CYS B 266 -12.10 8.32 -2.54
N ALA B 267 -11.91 7.03 -2.68
CA ALA B 267 -12.96 6.10 -3.08
C ALA B 267 -14.23 6.14 -2.19
N VAL B 268 -14.07 6.18 -0.88
CA VAL B 268 -15.19 6.00 0.04
C VAL B 268 -15.14 6.98 1.15
N MET B 269 -16.14 7.84 1.23
CA MET B 269 -16.27 8.66 2.38
C MET B 269 -17.55 8.25 3.15
N ASN B 270 -17.41 7.82 4.40
CA ASN B 270 -18.56 7.47 5.25
C ASN B 270 -19.00 8.77 5.94
N TYR B 271 -20.31 8.89 6.18
CA TYR B 271 -20.97 9.95 6.95
C TYR B 271 -21.66 9.28 8.16
N CYS B 272 -21.07 9.43 9.33
CA CYS B 272 -21.49 8.71 10.54
C CYS B 272 -22.70 9.33 11.29
N SER B 273 -23.02 10.59 10.95
CA SER B 273 -24.14 11.30 11.57
C SER B 273 -25.46 10.71 11.08
N VAL B 274 -26.36 10.42 12.02
CA VAL B 274 -27.75 10.02 11.71
C VAL B 274 -28.48 11.14 10.93
N ASP B 275 -28.06 12.38 11.11
CA ASP B 275 -28.75 13.48 10.40
C ASP B 275 -28.38 13.60 8.94
N VAL B 276 -27.40 12.79 8.51
CA VAL B 276 -27.05 12.79 7.07
C VAL B 276 -27.75 11.59 6.43
N PRO B 277 -28.50 11.77 5.35
CA PRO B 277 -29.36 10.60 5.11
C PRO B 277 -28.68 9.44 4.42
N TYR B 278 -27.73 9.73 3.54
CA TYR B 278 -26.98 8.66 2.92
C TYR B 278 -25.96 8.07 3.93
N THR B 279 -25.52 6.86 3.66
CA THR B 279 -24.58 6.20 4.57
C THR B 279 -23.13 6.53 4.16
N ARG B 280 -22.94 6.67 2.87
CA ARG B 280 -21.66 7.03 2.35
C ARG B 280 -21.72 7.51 0.89
N ILE B 281 -20.60 8.16 0.48
CA ILE B 281 -20.37 8.50 -0.90
C ILE B 281 -19.14 7.80 -1.45
N THR B 282 -19.29 7.16 -2.58
CA THR B 282 -18.23 6.47 -3.26
C THR B 282 -17.92 7.24 -4.56
N GLU B 283 -16.64 7.41 -4.82
CA GLU B 283 -16.22 8.06 -6.03
C GLU B 283 -15.38 7.06 -6.77
N HIS B 284 -16.01 6.46 -7.76
CA HIS B 284 -15.53 5.25 -8.38
C HIS B 284 -14.18 5.29 -9.07
N LYS B 285 -13.75 6.50 -9.53
CA LYS B 285 -12.48 6.53 -10.26
C LYS B 285 -11.33 6.20 -9.31
N TYR B 286 -11.53 6.48 -8.01
CA TYR B 286 -10.52 6.09 -6.98
C TYR B 286 -10.28 4.59 -6.78
N PHE B 287 -11.15 3.71 -7.30
CA PHE B 287 -10.85 2.26 -7.33
C PHE B 287 -9.92 1.93 -8.47
N SER B 288 -9.69 2.85 -9.40
CA SER B 288 -8.74 2.60 -10.45
C SER B 288 -7.65 3.68 -10.49
N PRO B 289 -6.84 3.81 -9.43
CA PRO B 289 -5.88 4.96 -9.40
C PRO B 289 -4.85 4.96 -10.56
N TRP B 290 -4.65 3.83 -11.24
CA TRP B 290 -3.75 3.83 -12.40
C TRP B 290 -4.40 4.43 -13.64
N GLU B 291 -5.68 4.85 -13.57
CA GLU B 291 -6.31 5.46 -14.74
C GLU B 291 -6.50 6.92 -14.45
N GLN B 292 -6.62 7.77 -15.46
CA GLN B 292 -6.97 9.14 -15.18
C GLN B 292 -8.24 9.55 -15.90
N HIS B 293 -9.09 10.27 -15.16
CA HIS B 293 -10.38 10.64 -15.63
C HIS B 293 -10.67 12.01 -15.09
N ASP B 294 -11.10 12.87 -15.99
CA ASP B 294 -11.45 14.24 -15.66
C ASP B 294 -12.85 14.27 -15.13
N GLY B 295 -13.74 13.51 -15.75
CA GLY B 295 -15.11 13.40 -15.25
C GLY B 295 -15.23 12.30 -14.20
N SER B 296 -15.99 12.54 -13.15
CA SER B 296 -16.06 11.55 -12.06
C SER B 296 -17.51 11.05 -11.89
N VAL B 297 -17.73 9.74 -11.82
CA VAL B 297 -19.03 9.16 -11.38
C VAL B 297 -19.04 8.90 -9.88
N CYS B 298 -20.03 9.41 -9.17
CA CYS B 298 -20.24 9.22 -7.75
C CYS B 298 -21.65 8.65 -7.39
N TYR B 299 -21.77 8.07 -6.19
CA TYR B 299 -23.00 7.53 -5.65
C TYR B 299 -23.13 7.96 -4.23
N LYS B 300 -24.26 8.58 -3.92
CA LYS B 300 -24.70 8.66 -2.57
C LYS B 300 -25.41 7.33 -2.39
N GLU B 301 -25.17 6.76 -1.23
CA GLU B 301 -25.60 5.42 -0.96
C GLU B 301 -26.59 5.41 0.20
N TYR B 302 -27.75 4.77 -0.02
CA TYR B 302 -28.78 4.73 1.07
C TYR B 302 -29.19 3.30 1.47
N SER B 303 -29.30 3.08 2.77
CA SER B 303 -29.68 1.76 3.28
C SER B 303 -31.20 1.73 3.69
N ARG B 304 -31.91 0.67 3.27
CA ARG B 304 -33.36 0.40 3.64
C ARG B 304 -33.61 -1.09 3.92
N ALA B 305 -34.78 -1.37 4.49
CA ALA B 305 -35.29 -2.73 4.55
C ALA B 305 -35.46 -3.26 3.18
N CYS B 306 -34.96 -4.46 2.93
CA CYS B 306 -35.08 -5.05 1.62
C CYS B 306 -36.50 -5.57 1.39
N GLU B 307 -37.25 -4.87 0.55
CA GLU B 307 -38.60 -5.29 0.21
C GLU B 307 -38.51 -6.22 -1.02
N GLU B 308 -39.66 -6.75 -1.45
CA GLU B 308 -39.75 -7.76 -2.55
C GLU B 308 -39.11 -7.42 -3.94
N ASN B 309 -39.12 -6.12 -4.29
CA ASN B 309 -38.58 -5.67 -5.59
C ASN B 309 -37.07 -5.20 -5.61
N ASP B 310 -36.44 -5.28 -4.44
CA ASP B 310 -35.07 -4.82 -4.17
C ASP B 310 -34.06 -5.92 -4.26
N ILE B 311 -32.80 -5.56 -4.55
CA ILE B 311 -31.69 -6.51 -4.60
C ILE B 311 -31.30 -6.70 -3.13
N PRO B 312 -31.08 -7.94 -2.70
CA PRO B 312 -30.71 -8.18 -1.30
C PRO B 312 -29.20 -8.02 -1.16
N TYR B 313 -28.76 -7.14 -0.25
CA TYR B 313 -27.34 -6.92 -0.03
C TYR B 313 -26.85 -7.58 1.23
N TYR B 314 -27.22 -7.03 2.40
CA TYR B 314 -26.72 -7.47 3.70
C TYR B 314 -27.76 -8.36 4.42
N PRO B 315 -27.43 -9.65 4.65
CA PRO B 315 -28.32 -10.54 5.41
C PRO B 315 -28.36 -10.11 6.87
N ILE B 316 -29.57 -9.97 7.42
CA ILE B 316 -29.69 -9.48 8.80
C ILE B 316 -29.15 -10.48 9.86
N ARG B 317 -29.64 -11.71 9.81
CA ARG B 317 -29.04 -12.85 10.54
C ARG B 317 -29.13 -12.70 12.05
N GLN B 318 -30.27 -12.19 12.50
CA GLN B 318 -30.58 -12.10 13.91
C GLN B 318 -31.55 -13.26 14.19
N MET B 319 -32.10 -13.33 15.40
CA MET B 319 -32.77 -14.55 15.86
C MET B 319 -33.84 -15.07 14.93
N GLY B 320 -34.74 -14.18 14.51
CA GLY B 320 -35.87 -14.57 13.67
C GLY B 320 -35.47 -15.10 12.29
N GLU B 321 -34.48 -14.43 11.70
CA GLU B 321 -33.99 -14.83 10.37
C GLU B 321 -33.28 -16.17 10.40
N MET B 322 -32.53 -16.41 11.48
CA MET B 322 -31.79 -17.67 11.64
C MET B 322 -32.76 -18.84 11.90
N ALA B 323 -33.88 -18.59 12.62
CA ALA B 323 -34.91 -19.62 12.85
C ALA B 323 -35.61 -19.87 11.53
N LEU B 324 -35.83 -18.79 10.81
CA LEU B 324 -36.41 -18.98 9.50
C LEU B 324 -35.46 -19.80 8.61
N LEU B 325 -34.17 -19.43 8.58
CA LEU B 325 -33.19 -20.17 7.75
C LEU B 325 -33.22 -21.66 8.03
N GLU B 326 -33.20 -21.98 9.32
CA GLU B 326 -33.21 -23.34 9.79
C GLU B 326 -34.33 -24.20 9.14
N LYS B 327 -35.53 -23.65 8.98
CA LYS B 327 -36.60 -24.39 8.28
C LYS B 327 -36.28 -24.61 6.82
N TYR B 328 -35.57 -23.68 6.17
CA TYR B 328 -35.31 -23.90 4.77
C TYR B 328 -34.15 -24.90 4.71
N LEU B 329 -33.18 -24.77 5.61
CA LEU B 329 -32.13 -25.82 5.67
C LEU B 329 -32.71 -27.22 5.80
N SER B 330 -33.77 -27.37 6.60
CA SER B 330 -34.17 -28.70 6.96
C SER B 330 -34.93 -29.27 5.79
N LEU B 331 -35.49 -28.45 4.92
CA LEU B 331 -35.95 -29.06 3.68
C LEU B 331 -34.90 -29.23 2.53
N ALA B 332 -33.92 -28.32 2.46
CA ALA B 332 -32.86 -28.50 1.49
C ALA B 332 -32.14 -29.85 1.75
N GLU B 333 -32.05 -30.24 3.00
CA GLU B 333 -31.28 -31.43 3.38
C GLU B 333 -31.89 -32.72 2.84
N ASN B 334 -33.13 -32.69 2.39
CA ASN B 334 -33.75 -33.87 1.82
C ASN B 334 -33.79 -33.78 0.31
N GLU B 335 -32.98 -32.93 -0.27
CA GLU B 335 -32.92 -32.82 -1.74
C GLU B 335 -31.96 -33.84 -2.36
N THR B 336 -32.11 -34.16 -3.64
CA THR B 336 -31.06 -34.93 -4.30
C THR B 336 -30.67 -34.19 -5.60
N ASN B 337 -29.43 -34.43 -6.05
CA ASN B 337 -28.85 -33.85 -7.28
C ASN B 337 -28.85 -32.31 -7.28
N ILE B 338 -28.78 -31.72 -6.10
CA ILE B 338 -28.65 -30.25 -6.03
C ILE B 338 -27.69 -29.81 -4.92
N THR B 339 -26.89 -28.77 -5.19
CA THR B 339 -26.05 -28.20 -4.12
C THR B 339 -26.32 -26.71 -4.06
N PHE B 340 -26.63 -26.17 -2.89
CA PHE B 340 -26.86 -24.73 -2.67
C PHE B 340 -25.54 -24.04 -2.28
N VAL B 341 -25.22 -22.92 -2.94
CA VAL B 341 -23.91 -22.25 -2.72
C VAL B 341 -24.05 -20.75 -2.66
N GLY B 342 -23.04 -20.05 -2.16
CA GLY B 342 -23.00 -18.60 -2.38
C GLY B 342 -23.67 -17.85 -1.26
N ARG B 343 -23.50 -16.54 -1.25
CA ARG B 343 -24.10 -15.64 -0.30
C ARG B 343 -25.62 -15.89 -0.29
N LEU B 344 -26.22 -16.12 -1.45
CA LEU B 344 -27.71 -16.12 -1.52
C LEU B 344 -28.24 -17.53 -1.19
N GLY B 345 -27.50 -18.56 -1.61
CA GLY B 345 -27.92 -19.96 -1.42
C GLY B 345 -27.79 -20.46 -0.01
N THR B 346 -26.98 -19.77 0.77
CA THR B 346 -26.65 -20.18 2.10
C THR B 346 -26.90 -19.06 3.07
N TYR B 347 -27.37 -17.92 2.60
CA TYR B 347 -27.76 -16.84 3.55
C TYR B 347 -26.58 -16.32 4.42
N ARG B 348 -25.46 -16.10 3.77
CA ARG B 348 -24.25 -15.57 4.44
C ARG B 348 -23.63 -14.45 3.64
N TYR B 349 -23.03 -13.51 4.33
CA TYR B 349 -22.25 -12.46 3.65
C TYR B 349 -20.91 -13.13 3.39
N LEU B 350 -20.52 -13.22 2.12
CA LEU B 350 -19.22 -13.79 1.72
C LEU B 350 -18.39 -12.85 0.86
N ASP B 351 -17.16 -12.60 1.34
CA ASP B 351 -16.17 -11.92 0.53
C ASP B 351 -15.94 -12.70 -0.79
N MET B 352 -15.35 -12.04 -1.80
CA MET B 352 -15.06 -12.66 -3.10
C MET B 352 -14.07 -13.80 -2.96
N ASP B 353 -13.06 -13.62 -2.12
CA ASP B 353 -12.06 -14.64 -1.92
C ASP B 353 -12.64 -15.92 -1.30
N VAL B 354 -13.42 -15.78 -0.22
CA VAL B 354 -14.16 -16.89 0.40
C VAL B 354 -15.13 -17.53 -0.62
N THR B 355 -15.78 -16.72 -1.48
CA THR B 355 -16.71 -17.30 -2.42
C THR B 355 -15.92 -18.18 -3.37
N ILE B 356 -14.77 -17.67 -3.84
CA ILE B 356 -13.95 -18.46 -4.79
C ILE B 356 -13.38 -19.69 -4.15
N ALA B 357 -12.84 -19.55 -2.93
CA ALA B 357 -12.34 -20.70 -2.18
C ALA B 357 -13.46 -21.75 -2.02
N GLU B 358 -14.65 -21.35 -1.55
CA GLU B 358 -15.75 -22.37 -1.42
C GLU B 358 -16.18 -22.98 -2.79
N ALA B 359 -16.18 -22.20 -3.86
CA ALA B 359 -16.57 -22.75 -5.14
C ALA B 359 -15.56 -23.80 -5.62
N LEU B 360 -14.27 -23.51 -5.46
CA LEU B 360 -13.24 -24.46 -5.85
C LEU B 360 -13.37 -25.75 -5.06
N LYS B 361 -13.63 -25.64 -3.76
CA LYS B 361 -13.82 -26.79 -2.92
C LYS B 361 -15.09 -27.59 -3.31
N THR B 362 -16.17 -26.86 -3.62
CA THR B 362 -17.41 -27.48 -4.06
C THR B 362 -17.23 -28.34 -5.33
N ALA B 363 -16.60 -27.79 -6.37
CA ALA B 363 -16.25 -28.58 -7.59
C ALA B 363 -15.39 -29.82 -7.28
N GLU B 364 -14.43 -29.63 -6.37
CA GLU B 364 -13.51 -30.68 -5.96
C GLU B 364 -14.27 -31.83 -5.30
N VAL B 365 -15.21 -31.49 -4.42
CA VAL B 365 -16.03 -32.50 -3.72
C VAL B 365 -16.91 -33.27 -4.76
N TYR B 366 -17.46 -32.56 -5.75
CA TYR B 366 -18.28 -33.14 -6.77
C TYR B 366 -17.45 -34.07 -7.61
N LEU B 367 -16.26 -33.61 -8.05
CA LEU B 367 -15.44 -34.46 -8.89
C LEU B 367 -15.05 -35.70 -8.14
N ASN B 368 -14.75 -35.59 -6.86
CA ASN B 368 -14.42 -36.72 -6.02
C ASN B 368 -15.62 -37.66 -5.74
N SER B 369 -16.84 -37.11 -5.85
CA SER B 369 -18.05 -37.89 -5.63
C SER B 369 -18.29 -38.78 -6.87
N LEU B 370 -17.94 -38.30 -8.06
CA LEU B 370 -18.02 -39.16 -9.30
C LEU B 370 -16.99 -40.31 -9.34
N THR B 371 -15.75 -40.05 -8.97
CA THR B 371 -14.76 -41.10 -9.06
C THR B 371 -14.98 -42.16 -7.95
N ASP B 372 -15.40 -41.70 -6.77
CA ASP B 372 -15.75 -42.64 -5.72
C ASP B 372 -17.17 -43.25 -5.80
N ASN B 373 -17.92 -42.97 -6.86
CA ASN B 373 -19.37 -43.30 -6.90
C ASN B 373 -20.13 -42.99 -5.57
N GLN B 374 -19.98 -41.75 -5.10
CA GLN B 374 -20.62 -41.33 -3.86
C GLN B 374 -21.62 -40.21 -4.14
N PRO B 375 -22.61 -40.06 -3.26
CA PRO B 375 -23.58 -38.96 -3.45
C PRO B 375 -22.98 -37.58 -3.07
N MET B 376 -23.23 -36.59 -3.92
CA MET B 376 -22.81 -35.21 -3.70
C MET B 376 -23.68 -34.52 -2.65
N PRO B 377 -23.08 -34.01 -1.58
CA PRO B 377 -23.94 -33.37 -0.57
C PRO B 377 -24.53 -32.08 -1.07
N VAL B 378 -25.54 -31.63 -0.31
CA VAL B 378 -26.43 -30.54 -0.65
C VAL B 378 -25.75 -29.23 -0.28
N PHE B 379 -25.00 -29.25 0.82
CA PHE B 379 -24.07 -28.18 1.18
C PHE B 379 -22.68 -28.73 1.36
N THR B 380 -21.68 -27.92 0.99
CA THR B 380 -20.25 -28.28 1.17
C THR B 380 -19.57 -27.45 2.26
N VAL B 381 -20.34 -26.62 2.94
CA VAL B 381 -19.89 -25.85 4.08
C VAL B 381 -20.95 -26.07 5.17
N SER B 382 -20.67 -25.73 6.41
CA SER B 382 -21.72 -25.88 7.43
C SER B 382 -22.56 -24.58 7.51
N VAL B 383 -23.86 -24.69 7.82
CA VAL B 383 -24.66 -23.46 7.95
C VAL B 383 -25.73 -23.50 9.10
N GLY B 384 -25.95 -24.71 9.66
CA GLY B 384 -27.02 -24.95 10.68
C GLY B 384 -26.65 -25.07 12.17
PA FAD C . 27.75 3.91 -0.25
O1A FAD C . 28.11 5.06 0.63
O2A FAD C . 26.61 3.03 0.22
O5B FAD C . 28.97 2.86 -0.36
C5B FAD C . 30.31 3.26 -0.47
C4B FAD C . 31.21 2.28 0.28
O4B FAD C . 32.54 2.70 0.06
C3B FAD C . 31.03 2.28 1.80
O3B FAD C . 30.74 0.98 2.27
C2B FAD C . 32.39 2.73 2.34
O2B FAD C . 32.72 2.05 3.51
C1B FAD C . 33.30 2.36 1.22
N9A FAD C . 34.55 3.12 1.18
C8A FAD C . 34.60 4.48 1.12
N7A FAD C . 35.89 4.87 1.08
C5A FAD C . 36.66 3.75 1.10
C6A FAD C . 38.03 3.59 1.08
N6A FAD C . 38.78 4.70 1.11
N1A FAD C . 38.58 2.30 1.11
C2A FAD C . 37.74 1.20 1.19
N3A FAD C . 36.37 1.39 1.23
C4A FAD C . 35.82 2.63 1.16
N1 FAD C . 17.91 5.86 -0.99
C2 FAD C . 16.66 5.33 -1.29
O2 FAD C . 16.43 4.90 -2.40
N3 FAD C . 15.65 5.32 -0.36
C4 FAD C . 15.84 5.84 0.90
O4 FAD C . 14.89 5.78 1.70
C4X FAD C . 17.10 6.36 1.25
N5 FAD C . 17.36 6.86 2.51
C5X FAD C . 18.59 7.44 2.79
C6 FAD C . 18.83 7.98 4.05
C7 FAD C . 20.10 8.55 4.29
C7M FAD C . 20.37 9.14 5.66
C8 FAD C . 21.10 8.57 3.30
C8M FAD C . 22.47 9.17 3.55
C9 FAD C . 20.85 7.99 2.06
C9A FAD C . 19.60 7.44 1.80
N10 FAD C . 19.36 6.88 0.56
C10 FAD C . 18.13 6.37 0.28
C1' FAD C . 20.42 6.87 -0.49
C2' FAD C . 21.19 5.49 -0.49
O2' FAD C . 21.80 5.24 0.74
C3' FAD C . 22.25 5.44 -1.59
O3' FAD C . 21.59 5.43 -2.83
C4' FAD C . 23.20 4.27 -1.62
O4' FAD C . 23.77 4.10 -0.33
C5' FAD C . 24.36 4.72 -2.56
O5' FAD C . 25.31 3.68 -2.67
P FAD C . 26.88 3.84 -2.96
O1P FAD C . 27.34 2.39 -3.10
O2P FAD C . 27.04 4.66 -4.16
O3P FAD C . 27.57 4.55 -1.70
N1 GDU D . 10.51 18.99 5.01
C2 GDU D . 9.98 19.75 6.09
N3 GDU D . 9.14 19.20 7.01
C4 GDU D . 8.82 17.90 6.94
C5 GDU D . 9.32 17.11 5.89
C6 GDU D . 10.17 17.68 4.92
O2 GDU D . 10.31 20.94 6.19
O4 GDU D . 8.09 17.41 7.83
C1D GDU D . 11.37 19.66 4.05
C2D GDU D . 12.78 19.64 4.58
O2D GDU D . 13.53 20.85 4.21
C3D GDU D . 13.40 18.41 3.91
C4D GDU D . 12.73 18.45 2.56
O4D GDU D . 11.40 18.93 2.82
O3D GDU D . 14.83 18.59 3.87
C5D GDU D . 12.64 17.13 1.79
O5D GDU D . 12.51 16.15 2.79
PA GDU D . 12.22 14.63 2.60
O1A GDU D . 12.24 14.04 4.01
O2A GDU D . 10.92 14.46 1.96
O3A GDU D . 13.34 14.13 1.58
PB GDU D . 14.86 13.60 1.94
O1B GDU D . 14.78 12.63 3.12
O2B GDU D . 15.72 14.85 2.15
O3B GDU D . 15.23 12.93 0.53
C1' GDU D . 14.62 13.66 -0.56
C2' GDU D . 13.93 12.77 -1.61
C3' GDU D . 15.03 11.92 -2.30
C4' GDU D . 16.20 12.78 -2.76
C5' GDU D . 16.70 13.82 -1.73
C6' GDU D . 17.67 14.84 -2.34
O2' GDU D . 12.86 12.04 -0.98
O3' GDU D . 14.59 11.13 -3.42
O4' GDU D . 15.79 13.44 -3.95
O5' GDU D . 15.61 14.52 -1.14
O6' GDU D . 18.54 15.29 -1.28
PA FAD E . -23.88 -13.29 -6.56
O1A FAD E . -24.89 -12.52 -5.75
O2A FAD E . -22.84 -12.41 -7.08
O5B FAD E . -24.51 -14.03 -7.82
C5B FAD E . -25.74 -14.74 -7.81
C4B FAD E . -26.23 -14.66 -9.26
O4B FAD E . -27.33 -15.54 -9.38
C3B FAD E . -26.79 -13.30 -9.59
O3B FAD E . -26.23 -12.90 -10.88
C2B FAD E . -28.28 -13.59 -9.69
O2B FAD E . -28.86 -12.86 -10.75
C1B FAD E . -28.38 -15.02 -10.12
N9A FAD E . -29.70 -15.64 -9.76
C8A FAD E . -30.33 -15.56 -8.54
N7A FAD E . -31.52 -16.22 -8.57
C5A FAD E . -31.67 -16.68 -9.82
C6A FAD E . -32.74 -17.39 -10.42
N6A FAD E . -33.90 -17.52 -9.74
N1A FAD E . -32.65 -17.74 -11.75
C2A FAD E . -31.54 -17.42 -12.50
N3A FAD E . -30.52 -16.68 -11.88
C4A FAD E . -30.58 -16.33 -10.57
N1 FAD E . -16.58 -8.90 -1.39
C2 FAD E . -15.25 -8.60 -1.36
O2 FAD E . -14.44 -9.50 -1.42
N3 FAD E . -14.82 -7.30 -1.24
C4 FAD E . -15.74 -6.28 -1.14
O4 FAD E . -15.33 -5.12 -1.05
C4X FAD E . -17.13 -6.61 -1.15
N5 FAD E . -18.05 -5.63 -1.04
C5X FAD E . -19.40 -5.96 -1.03
C6 FAD E . -20.34 -4.97 -0.87
C7 FAD E . -21.71 -5.30 -0.86
C7M FAD E . -22.76 -4.21 -0.72
C8 FAD E . -22.11 -6.62 -0.97
C8M FAD E . -23.57 -6.95 -0.96
C9 FAD E . -21.17 -7.62 -1.15
C9A FAD E . -19.82 -7.29 -1.17
N10 FAD E . -18.88 -8.28 -1.31
C10 FAD E . -17.53 -7.94 -1.27
C1' FAD E . -19.32 -9.70 -1.46
C2' FAD E . -19.36 -10.12 -2.97
O2' FAD E . -20.42 -9.44 -3.69
C3' FAD E . -19.66 -11.60 -3.12
O3' FAD E . -18.57 -12.33 -2.62
C4' FAD E . -20.10 -12.14 -4.50
O4' FAD E . -21.27 -11.45 -4.96
C5' FAD E . -20.47 -13.60 -4.36
O5' FAD E . -20.74 -14.20 -5.63
P FAD E . -21.99 -15.24 -5.81
O1P FAD E . -21.82 -15.79 -7.18
O2P FAD E . -22.02 -16.30 -4.83
O3P FAD E . -23.32 -14.40 -5.55
N1 GDU F . -19.67 0.56 11.67
C2 GDU F . -19.96 1.79 12.28
N3 GDU F . -19.50 2.95 11.77
C4 GDU F . -18.75 3.00 10.65
C5 GDU F . -18.44 1.80 9.99
C6 GDU F . -18.93 0.59 10.53
O2 GDU F . -20.68 1.81 13.30
O4 GDU F . -18.37 4.11 10.22
C1D GDU F . -20.24 -0.70 12.26
C2D GDU F . -21.59 -0.99 11.57
O2D GDU F . -22.67 -1.37 12.44
C3D GDU F . -21.30 -2.09 10.56
C4D GDU F . -20.06 -2.79 11.11
O4D GDU F . -19.40 -1.81 11.95
O3D GDU F . -22.43 -2.93 10.38
C5D GDU F . -19.10 -3.37 10.05
O5D GDU F . -19.19 -2.60 8.84
PA GDU F . -18.00 -2.49 7.75
O1A GDU F . -18.35 -1.35 6.79
O2A GDU F . -16.66 -2.44 8.44
O3A GDU F . -18.00 -3.85 6.89
PB GDU F . -19.25 -4.47 6.06
O1B GDU F . -19.53 -3.77 4.75
O2B GDU F . -20.46 -4.58 6.99
O3B GDU F . -18.49 -5.87 5.80
C1' GDU F . -17.65 -6.38 6.88
C2' GDU F . -16.27 -6.88 6.37
C3' GDU F . -16.42 -8.16 5.52
C4' GDU F . -17.36 -9.21 6.18
C5' GDU F . -18.63 -8.55 6.80
C6' GDU F . -19.61 -9.49 7.49
O2' GDU F . -15.61 -5.80 5.68
O3' GDU F . -15.18 -8.81 5.18
O4' GDU F . -16.67 -10.08 7.09
O5' GDU F . -18.32 -7.41 7.62
O6' GDU F . -20.90 -8.91 7.26
#